data_4V2W
#
_entry.id   4V2W
#
_cell.length_a   100.711
_cell.length_b   149.740
_cell.length_c   57.508
_cell.angle_alpha   90.00
_cell.angle_beta   90.00
_cell.angle_gamma   90.00
#
_symmetry.space_group_name_H-M   'P 21 21 2'
#
loop_
_entity.id
_entity.type
_entity.pdbx_description
1 polymer 'LYSINE-SPECIFIC DEMETHYLASE 4A'
2 polymer 'HISTONE H3.1T'
3 non-polymer 'NICKEL (II) ION'
4 non-polymer 'ZINC ION'
5 non-polymer 'CHLORIDE ION'
6 non-polymer N-OXALYLGLYCINE
7 non-polymer GLYCEROL
8 water water
#
loop_
_entity_poly.entity_id
_entity_poly.type
_entity_poly.pdbx_seq_one_letter_code
_entity_poly.pdbx_strand_id
1 'polypeptide(L)'
;MHHHHHHSSGVDLGTENLYFQSMASESETLNPSARIMTFYPTMEEFRNFSRYIAYIESQGAHRAGLAKVVPPKEWKPRAS
YDDIDDLVIPAPIQQLVTGQSGLFTQYNIQKKAMTVREFRKIANSDKYCTPRYSEFEELERKYWKNLTFNPPIYGADVNG
TLYEKHVDEWNIGRLRTILDLVEKESGITIEGVNTPYLYFGMWKTSFAWHTEDMDLYSINYLHFGEPKSWYSVPPEHGKR
LERLAKGFFPGSAQSCEAFLRHKMTLISPLMLKKYGIPFDKVTQEAGEFMITFPYGYHAGFNHGFNCAESTNFATRRWIE
YGKQAVLCSCRKDMVKISMDVFVRKFQPERYKLWKAGKDNTVIDHTLPTPEAAEFLKESEL
;
A,B
2 'polypeptide(L)' PRKQLATKAAR(M3L)SAPATGGV C
#
# COMPACT_ATOMS: atom_id res chain seq x y z
N THR A 29 16.55 -12.43 -4.39
CA THR A 29 16.57 -11.51 -5.53
C THR A 29 15.90 -10.18 -5.21
N LEU A 30 15.76 -9.34 -6.22
CA LEU A 30 15.09 -8.04 -6.07
C LEU A 30 13.59 -8.22 -6.31
N ASN A 31 12.79 -7.90 -5.29
CA ASN A 31 11.34 -8.18 -5.31
C ASN A 31 10.95 -9.62 -5.59
N PRO A 32 11.45 -10.56 -4.78
CA PRO A 32 11.21 -11.99 -4.97
C PRO A 32 9.72 -12.35 -4.86
N SER A 33 8.91 -11.42 -4.33
CA SER A 33 7.48 -11.64 -4.21
C SER A 33 6.79 -11.18 -5.50
N ALA A 34 7.53 -10.48 -6.37
CA ALA A 34 7.03 -10.01 -7.66
C ALA A 34 5.78 -9.17 -7.47
N ARG A 35 5.80 -8.32 -6.44
CA ARG A 35 4.67 -7.46 -6.12
C ARG A 35 4.88 -6.14 -6.79
N ILE A 36 3.77 -5.54 -7.20
CA ILE A 36 3.81 -4.23 -7.84
C ILE A 36 4.46 -3.18 -6.93
N MET A 37 5.47 -2.51 -7.48
N MET A 37 5.46 -2.51 -7.48
CA MET A 37 6.24 -1.51 -6.75
CA MET A 37 6.20 -1.48 -6.75
C MET A 37 5.87 -0.10 -7.19
C MET A 37 5.80 -0.10 -7.18
N THR A 38 5.94 0.83 -6.24
CA THR A 38 5.67 2.24 -6.48
C THR A 38 6.96 3.03 -6.27
N PHE A 39 7.20 4.01 -7.14
CA PHE A 39 8.43 4.80 -7.08
C PHE A 39 8.13 6.29 -7.03
N TYR A 40 9.02 7.02 -6.37
CA TYR A 40 8.83 8.44 -6.11
C TYR A 40 10.07 9.22 -6.50
N PRO A 41 10.28 9.41 -7.80
CA PRO A 41 11.50 10.11 -8.21
C PRO A 41 11.55 11.57 -7.79
N THR A 42 12.76 12.10 -7.57
CA THR A 42 12.98 13.53 -7.43
C THR A 42 12.86 14.15 -8.81
N MET A 43 12.95 15.46 -8.92
CA MET A 43 12.84 16.09 -10.23
C MET A 43 14.06 15.71 -11.06
N GLU A 44 15.19 15.58 -10.40
N GLU A 44 15.22 15.62 -10.43
CA GLU A 44 16.46 15.34 -11.08
CA GLU A 44 16.45 15.33 -11.14
C GLU A 44 16.53 13.92 -11.64
C GLU A 44 16.46 13.91 -11.70
N GLU A 45 15.85 12.99 -10.96
CA GLU A 45 15.79 11.60 -11.40
C GLU A 45 14.79 11.47 -12.53
N PHE A 46 13.73 12.28 -12.42
CA PHE A 46 12.59 12.23 -13.31
C PHE A 46 12.89 12.71 -14.72
N ARG A 47 13.95 13.49 -14.87
N ARG A 47 13.93 13.53 -14.86
CA ARG A 47 14.22 14.18 -16.12
CA ARG A 47 14.21 14.19 -16.13
C ARG A 47 14.67 13.23 -17.21
C ARG A 47 14.66 13.22 -17.21
N ASN A 48 15.46 12.23 -16.85
CA ASN A 48 15.89 11.23 -17.83
C ASN A 48 14.99 10.00 -17.76
N PHE A 49 14.13 9.84 -18.75
CA PHE A 49 13.11 8.79 -18.70
C PHE A 49 13.69 7.37 -18.78
N SER A 50 14.49 7.14 -19.82
N SER A 50 14.48 7.12 -19.81
CA SER A 50 15.06 5.83 -20.08
CA SER A 50 15.00 5.77 -20.03
C SER A 50 15.93 5.35 -18.93
C SER A 50 15.96 5.34 -18.91
N ARG A 51 16.69 6.29 -18.36
N ARG A 51 16.68 6.31 -18.35
CA ARG A 51 17.53 6.00 -17.22
CA ARG A 51 17.54 6.05 -17.21
C ARG A 51 16.72 5.58 -15.99
C ARG A 51 16.74 5.60 -15.99
N TYR A 52 15.62 6.27 -15.74
CA TYR A 52 14.79 5.93 -14.59
C TYR A 52 14.10 4.59 -14.80
N ILE A 53 13.67 4.31 -16.03
CA ILE A 53 13.15 2.97 -16.29
C ILE A 53 14.25 1.92 -15.98
N ALA A 54 15.48 2.18 -16.43
CA ALA A 54 16.56 1.25 -16.08
C ALA A 54 16.76 1.13 -14.55
N TYR A 55 16.66 2.26 -13.85
CA TYR A 55 16.74 2.21 -12.39
C TYR A 55 15.63 1.35 -11.77
N ILE A 56 14.38 1.56 -12.15
CA ILE A 56 13.33 0.80 -11.47
C ILE A 56 13.47 -0.67 -11.83
N GLU A 57 13.96 -0.98 -13.04
CA GLU A 57 14.27 -2.38 -13.29
C GLU A 57 15.43 -2.87 -12.41
N SER A 58 16.43 -2.04 -12.13
CA SER A 58 17.48 -2.51 -11.22
C SER A 58 16.91 -2.79 -9.81
N GLN A 59 15.76 -2.22 -9.48
CA GLN A 59 15.07 -2.49 -8.22
C GLN A 59 14.13 -3.70 -8.33
N GLY A 60 14.03 -4.29 -9.51
CA GLY A 60 13.18 -5.48 -9.68
C GLY A 60 11.75 -5.17 -10.03
N ALA A 61 11.47 -3.92 -10.41
CA ALA A 61 10.08 -3.52 -10.67
C ALA A 61 9.45 -4.32 -11.80
N HIS A 62 10.25 -4.73 -12.76
CA HIS A 62 9.74 -5.44 -13.92
C HIS A 62 9.18 -6.84 -13.60
N ARG A 63 9.61 -7.45 -12.50
CA ARG A 63 9.14 -8.79 -12.19
C ARG A 63 7.62 -8.90 -12.01
N ALA A 64 6.98 -7.83 -11.54
CA ALA A 64 5.52 -7.82 -11.34
C ALA A 64 4.73 -7.65 -12.65
N GLY A 65 5.42 -7.16 -13.68
CA GLY A 65 4.81 -6.81 -14.96
C GLY A 65 4.20 -5.42 -15.01
N LEU A 66 4.11 -4.75 -13.86
CA LEU A 66 3.48 -3.44 -13.74
C LEU A 66 4.15 -2.66 -12.60
N ALA A 67 4.32 -1.35 -12.77
CA ALA A 67 4.85 -0.52 -11.69
C ALA A 67 4.20 0.84 -11.73
N LYS A 68 4.09 1.47 -10.56
CA LYS A 68 3.61 2.83 -10.47
C LYS A 68 4.74 3.81 -10.26
N VAL A 69 4.69 4.93 -10.97
CA VAL A 69 5.64 6.02 -10.74
C VAL A 69 4.86 7.29 -10.45
N VAL A 70 5.15 7.89 -9.29
CA VAL A 70 4.50 9.12 -8.85
C VAL A 70 5.42 10.27 -9.16
N PRO A 71 5.00 11.18 -10.04
CA PRO A 71 5.87 12.30 -10.41
C PRO A 71 6.08 13.27 -9.26
N PRO A 72 7.15 14.07 -9.32
CA PRO A 72 7.33 15.14 -8.34
C PRO A 72 6.11 16.06 -8.27
N LYS A 73 5.82 16.59 -7.09
CA LYS A 73 4.67 17.50 -6.88
C LYS A 73 4.76 18.73 -7.77
N GLU A 74 5.97 19.20 -8.01
N GLU A 74 6.01 19.09 -8.01
CA GLU A 74 6.16 20.42 -8.80
CA GLU A 74 6.47 20.24 -8.77
C GLU A 74 5.75 20.20 -10.26
C GLU A 74 5.94 20.19 -10.21
N TRP A 75 5.88 18.97 -10.75
CA TRP A 75 5.60 18.70 -12.15
C TRP A 75 4.13 18.63 -12.54
N LYS A 76 3.78 19.34 -13.61
CA LYS A 76 2.47 19.19 -14.24
C LYS A 76 2.65 19.17 -15.77
N PRO A 77 1.96 18.25 -16.47
CA PRO A 77 1.98 18.24 -17.94
C PRO A 77 1.15 19.32 -18.65
N ARG A 78 0.17 19.87 -17.94
CA ARG A 78 -0.78 20.83 -18.50
C ARG A 78 -1.32 21.71 -17.38
N ALA A 79 -1.60 22.98 -17.67
CA ALA A 79 -2.07 23.88 -16.63
C ALA A 79 -3.53 23.62 -16.25
N SER A 80 -4.37 23.39 -17.26
CA SER A 80 -5.81 23.23 -17.02
C SER A 80 -6.44 22.28 -17.99
N TYR A 81 -7.41 21.51 -17.51
CA TYR A 81 -8.21 20.62 -18.34
C TYR A 81 -9.60 21.17 -18.75
N ASP A 82 -9.85 22.45 -18.50
CA ASP A 82 -11.17 23.02 -18.76
C ASP A 82 -11.34 23.60 -20.18
N ASP A 83 -10.25 23.63 -20.95
CA ASP A 83 -10.25 24.09 -22.35
C ASP A 83 -10.32 22.97 -23.40
N ILE A 84 -10.48 21.73 -22.95
CA ILE A 84 -10.56 20.58 -23.86
C ILE A 84 -11.98 20.09 -24.16
N ASP A 85 -12.99 20.81 -23.70
CA ASP A 85 -14.37 20.36 -23.90
C ASP A 85 -14.75 20.16 -25.36
N ASP A 86 -14.00 20.81 -26.25
CA ASP A 86 -14.27 20.76 -27.68
C ASP A 86 -13.50 19.64 -28.39
N LEU A 87 -12.70 18.89 -27.63
CA LEU A 87 -11.97 17.76 -28.19
C LEU A 87 -12.97 16.71 -28.65
N VAL A 88 -12.76 16.19 -29.86
CA VAL A 88 -13.68 15.22 -30.43
C VAL A 88 -13.19 13.81 -30.11
N ILE A 89 -14.10 12.96 -29.64
CA ILE A 89 -13.83 11.53 -29.52
C ILE A 89 -14.42 10.89 -30.77
N PRO A 90 -13.56 10.53 -31.75
CA PRO A 90 -14.11 10.15 -33.06
C PRO A 90 -14.88 8.85 -33.06
N ALA A 91 -14.48 7.92 -32.20
CA ALA A 91 -15.04 6.57 -32.24
C ALA A 91 -15.26 5.96 -30.85
N PRO A 92 -16.17 6.56 -30.06
CA PRO A 92 -16.54 5.98 -28.76
C PRO A 92 -17.00 4.54 -28.94
N ILE A 93 -16.73 3.73 -27.93
CA ILE A 93 -17.05 2.30 -27.95
C ILE A 93 -18.02 1.93 -26.83
N GLN A 94 -19.17 1.33 -27.16
CA GLN A 94 -20.03 0.74 -26.13
C GLN A 94 -19.54 -0.69 -25.86
N GLN A 95 -19.30 -1.00 -24.59
CA GLN A 95 -18.73 -2.29 -24.23
C GLN A 95 -19.79 -3.25 -23.71
N LEU A 96 -20.18 -4.20 -24.56
CA LEU A 96 -21.12 -5.25 -24.24
C LEU A 96 -20.34 -6.41 -23.68
N VAL A 97 -20.77 -6.98 -22.56
CA VAL A 97 -19.98 -8.08 -21.97
C VAL A 97 -20.88 -9.26 -21.72
N THR A 98 -20.47 -10.44 -22.17
CA THR A 98 -21.25 -11.66 -21.93
C THR A 98 -20.38 -12.67 -21.19
N GLY A 99 -20.93 -13.34 -20.19
CA GLY A 99 -20.20 -14.41 -19.55
C GLY A 99 -20.78 -14.77 -18.20
N GLN A 100 -20.04 -15.59 -17.45
CA GLN A 100 -20.52 -16.02 -16.13
C GLN A 100 -19.34 -16.65 -15.38
N SER A 101 -19.55 -16.95 -14.10
CA SER A 101 -18.52 -17.60 -13.27
C SER A 101 -17.11 -17.06 -13.46
N GLY A 102 -16.98 -15.73 -13.55
CA GLY A 102 -15.70 -15.06 -13.61
C GLY A 102 -15.04 -15.00 -14.99
N LEU A 103 -15.71 -15.52 -16.01
CA LEU A 103 -15.14 -15.59 -17.34
C LEU A 103 -16.05 -14.87 -18.32
N PHE A 104 -15.53 -13.87 -19.00
CA PHE A 104 -16.34 -13.03 -19.88
C PHE A 104 -15.67 -12.71 -21.19
N THR A 105 -16.48 -12.38 -22.17
CA THR A 105 -16.04 -11.85 -23.46
C THR A 105 -16.69 -10.50 -23.70
N GLN A 106 -15.87 -9.55 -24.12
CA GLN A 106 -16.29 -8.17 -24.32
C GLN A 106 -16.35 -7.84 -25.80
N TYR A 107 -17.52 -7.34 -26.22
CA TYR A 107 -17.80 -6.91 -27.58
C TYR A 107 -17.94 -5.40 -27.65
N ASN A 108 -17.27 -4.81 -28.63
CA ASN A 108 -17.35 -3.38 -28.84
C ASN A 108 -18.40 -3.03 -29.88
N ILE A 109 -19.11 -1.95 -29.61
CA ILE A 109 -19.97 -1.33 -30.61
C ILE A 109 -19.51 0.10 -30.82
N GLN A 110 -19.13 0.45 -32.03
CA GLN A 110 -18.70 1.82 -32.29
C GLN A 110 -19.91 2.74 -32.25
N LYS A 111 -19.87 3.77 -31.42
CA LYS A 111 -20.95 4.76 -31.45
C LYS A 111 -20.54 5.95 -32.31
N LYS A 112 -21.48 6.86 -32.50
CA LYS A 112 -21.22 8.06 -33.28
C LYS A 112 -20.27 8.95 -32.49
N ALA A 113 -19.53 9.79 -33.20
CA ALA A 113 -18.57 10.70 -32.60
C ALA A 113 -19.25 11.64 -31.61
N MET A 114 -18.52 12.01 -30.58
CA MET A 114 -19.00 12.96 -29.59
C MET A 114 -17.81 13.73 -29.02
N THR A 115 -18.10 14.90 -28.46
CA THR A 115 -17.12 15.74 -27.79
C THR A 115 -16.86 15.27 -26.37
N VAL A 116 -15.71 15.65 -25.82
CA VAL A 116 -15.40 15.37 -24.42
C VAL A 116 -16.50 15.92 -23.54
N ARG A 117 -17.03 17.07 -23.90
N ARG A 117 -17.04 17.06 -23.90
CA ARG A 117 -18.12 17.69 -23.15
CA ARG A 117 -18.10 17.68 -23.14
C ARG A 117 -19.36 16.76 -23.07
C ARG A 117 -19.35 16.76 -23.07
N GLU A 118 -19.77 16.24 -24.21
CA GLU A 118 -20.91 15.30 -24.26
C GLU A 118 -20.63 14.00 -23.50
N PHE A 119 -19.43 13.49 -23.71
CA PHE A 119 -19.01 12.27 -23.05
C PHE A 119 -19.04 12.48 -21.54
N ARG A 120 -18.39 13.55 -21.08
N ARG A 120 -18.40 13.54 -21.07
CA ARG A 120 -18.31 13.89 -19.67
CA ARG A 120 -18.33 13.84 -19.65
C ARG A 120 -19.69 13.99 -19.06
C ARG A 120 -19.72 13.95 -19.06
N LYS A 121 -20.61 14.63 -19.78
CA LYS A 121 -21.98 14.71 -19.30
C LYS A 121 -22.65 13.32 -19.25
N ILE A 122 -22.39 12.45 -20.22
CA ILE A 122 -22.95 11.10 -20.10
C ILE A 122 -22.28 10.29 -18.96
N ALA A 123 -20.98 10.47 -18.76
CA ALA A 123 -20.22 9.75 -17.73
C ALA A 123 -20.64 10.13 -16.31
N ASN A 124 -20.81 11.44 -16.10
CA ASN A 124 -21.14 11.96 -14.77
C ASN A 124 -22.65 11.88 -14.51
N SER A 125 -23.37 11.43 -15.55
CA SER A 125 -24.82 11.21 -15.52
C SER A 125 -25.21 10.13 -14.52
N ASP A 126 -26.47 10.11 -14.09
CA ASP A 126 -26.89 9.18 -13.04
C ASP A 126 -26.97 7.70 -13.43
N LYS A 127 -27.27 7.38 -14.67
CA LYS A 127 -27.45 5.98 -15.00
C LYS A 127 -26.07 5.30 -15.15
N TYR A 128 -25.08 6.07 -15.56
CA TYR A 128 -23.69 5.59 -15.68
C TYR A 128 -22.67 5.99 -14.60
N CYS A 129 -23.06 6.78 -13.60
CA CYS A 129 -22.09 7.28 -12.63
C CYS A 129 -21.65 6.17 -11.69
N THR A 130 -20.51 6.38 -11.06
CA THR A 130 -19.97 5.47 -10.04
C THR A 130 -20.99 5.19 -8.94
N PRO A 131 -21.18 3.92 -8.55
CA PRO A 131 -22.02 3.68 -7.36
C PRO A 131 -21.38 4.15 -6.05
N ARG A 132 -22.18 4.32 -5.01
CA ARG A 132 -21.65 4.69 -3.70
C ARG A 132 -20.82 3.54 -3.16
N TYR A 133 -19.71 3.87 -2.50
CA TYR A 133 -18.87 2.83 -1.91
C TYR A 133 -17.97 3.41 -0.82
N SER A 134 -17.48 2.53 0.05
CA SER A 134 -16.63 2.90 1.19
C SER A 134 -15.17 2.68 0.84
N GLU A 135 -14.88 1.42 0.51
CA GLU A 135 -13.53 0.88 0.34
C GLU A 135 -13.35 0.35 -1.08
N PHE A 136 -12.10 0.25 -1.54
CA PHE A 136 -11.86 -0.26 -2.89
C PHE A 136 -12.46 -1.64 -3.15
N GLU A 137 -12.39 -2.51 -2.14
CA GLU A 137 -12.86 -3.88 -2.29
C GLU A 137 -14.34 -3.91 -2.65
N GLU A 138 -15.10 -2.97 -2.09
CA GLU A 138 -16.52 -2.92 -2.36
C GLU A 138 -16.73 -2.54 -3.83
N LEU A 139 -16.00 -1.54 -4.31
CA LEU A 139 -16.15 -1.11 -5.68
C LEU A 139 -15.74 -2.21 -6.64
N GLU A 140 -14.67 -2.90 -6.29
CA GLU A 140 -14.19 -4.03 -7.08
C GLU A 140 -15.25 -5.13 -7.17
N ARG A 141 -15.86 -5.42 -6.01
CA ARG A 141 -16.95 -6.40 -5.97
C ARG A 141 -18.10 -5.96 -6.88
N LYS A 142 -18.46 -4.68 -6.81
CA LYS A 142 -19.54 -4.21 -7.67
C LYS A 142 -19.13 -4.26 -9.15
N TYR A 143 -17.86 -4.00 -9.47
CA TYR A 143 -17.42 -4.15 -10.85
C TYR A 143 -17.65 -5.57 -11.35
N TRP A 144 -17.12 -6.57 -10.61
CA TRP A 144 -17.26 -7.96 -11.09
C TRP A 144 -18.68 -8.48 -11.01
N LYS A 145 -19.50 -7.92 -10.12
CA LYS A 145 -20.88 -8.32 -10.06
C LYS A 145 -21.73 -7.72 -11.20
N ASN A 146 -21.44 -6.47 -11.54
CA ASN A 146 -22.24 -5.74 -12.55
C ASN A 146 -21.71 -5.57 -13.99
N LEU A 147 -20.55 -6.14 -14.33
N LEU A 147 -20.58 -6.23 -14.24
CA LEU A 147 -19.92 -5.74 -15.58
CA LEU A 147 -19.79 -6.15 -15.46
C LEU A 147 -20.69 -6.20 -16.82
C LEU A 147 -20.64 -6.26 -16.73
N THR A 148 -21.63 -7.14 -16.69
CA THR A 148 -22.45 -7.50 -17.85
C THR A 148 -23.74 -6.69 -17.96
N PHE A 149 -23.97 -5.78 -17.03
CA PHE A 149 -25.20 -4.98 -17.03
C PHE A 149 -24.87 -3.54 -17.43
N ASN A 150 -25.85 -2.87 -18.03
N ASN A 150 -25.85 -2.85 -18.00
CA ASN A 150 -25.75 -1.43 -18.28
CA ASN A 150 -25.73 -1.42 -18.28
C ASN A 150 -24.46 -1.03 -19.01
C ASN A 150 -24.40 -1.11 -18.97
N PRO A 151 -24.24 -1.57 -20.21
CA PRO A 151 -22.94 -1.42 -20.88
C PRO A 151 -22.50 0.03 -20.99
N PRO A 152 -21.27 0.33 -20.55
CA PRO A 152 -20.81 1.71 -20.62
C PRO A 152 -20.19 2.08 -21.95
N ILE A 153 -19.82 3.36 -22.06
CA ILE A 153 -19.17 3.91 -23.24
C ILE A 153 -17.74 4.28 -22.89
N TYR A 154 -16.80 3.76 -23.68
CA TYR A 154 -15.40 4.08 -23.50
C TYR A 154 -14.93 4.96 -24.65
N GLY A 155 -14.29 6.05 -24.27
CA GLY A 155 -13.75 7.11 -25.10
C GLY A 155 -12.38 6.77 -25.63
N ALA A 156 -12.21 5.52 -26.06
CA ALA A 156 -10.91 4.92 -26.35
C ALA A 156 -10.20 5.25 -27.67
N ASP A 157 -8.87 5.12 -27.63
CA ASP A 157 -8.00 5.15 -28.82
C ASP A 157 -8.10 6.48 -29.58
N VAL A 158 -8.20 7.58 -28.84
CA VAL A 158 -8.23 8.91 -29.44
C VAL A 158 -6.82 9.37 -29.75
N ASN A 159 -6.52 9.61 -31.02
CA ASN A 159 -5.21 10.15 -31.36
C ASN A 159 -5.06 11.54 -30.79
N GLY A 160 -4.02 11.75 -29.98
CA GLY A 160 -3.75 13.05 -29.41
C GLY A 160 -2.97 12.98 -28.12
N THR A 161 -2.58 14.16 -27.63
CA THR A 161 -1.81 14.30 -26.38
C THR A 161 -2.37 15.53 -25.65
N LEU A 162 -2.56 15.45 -24.34
CA LEU A 162 -2.96 16.63 -23.56
C LEU A 162 -1.75 17.35 -22.97
N TYR A 163 -0.56 16.87 -23.28
CA TYR A 163 0.66 17.55 -22.86
C TYR A 163 0.78 18.86 -23.65
N GLU A 164 1.48 19.83 -23.06
CA GLU A 164 1.79 21.08 -23.72
C GLU A 164 3.16 20.91 -24.36
N LYS A 165 3.35 21.58 -25.50
CA LYS A 165 4.54 21.44 -26.33
C LYS A 165 5.83 21.57 -25.53
N HIS A 166 5.79 22.39 -24.49
CA HIS A 166 7.02 22.74 -23.78
C HIS A 166 7.46 21.70 -22.74
N VAL A 167 6.62 20.74 -22.41
CA VAL A 167 6.96 19.81 -21.32
C VAL A 167 7.91 18.73 -21.82
N ASP A 168 9.14 18.72 -21.30
CA ASP A 168 10.14 17.75 -21.78
C ASP A 168 10.37 16.52 -20.90
N GLU A 169 9.73 16.45 -19.74
CA GLU A 169 9.88 15.31 -18.84
C GLU A 169 8.74 14.31 -19.03
N TRP A 170 9.07 13.05 -19.30
CA TRP A 170 8.09 11.99 -19.46
C TRP A 170 6.97 12.37 -20.42
N ASN A 171 7.33 13.05 -21.51
CA ASN A 171 6.34 13.42 -22.50
C ASN A 171 6.05 12.22 -23.36
N ILE A 172 4.81 11.76 -23.27
CA ILE A 172 4.38 10.51 -23.87
C ILE A 172 4.41 10.61 -25.39
N GLY A 173 4.31 11.85 -25.87
CA GLY A 173 4.41 12.14 -27.29
C GLY A 173 5.79 11.92 -27.83
N ARG A 174 6.80 12.33 -27.09
CA ARG A 174 8.15 11.96 -27.47
C ARG A 174 9.00 11.47 -26.29
N LEU A 175 9.13 10.16 -26.11
CA LEU A 175 9.88 9.66 -24.96
C LEU A 175 11.32 9.41 -25.30
N ARG A 176 11.60 9.39 -26.60
CA ARG A 176 12.95 9.22 -27.10
C ARG A 176 13.62 7.92 -26.65
N THR A 177 12.92 6.79 -26.81
CA THR A 177 13.52 5.47 -26.59
C THR A 177 13.86 4.86 -27.94
N ILE A 178 14.46 3.67 -27.94
CA ILE A 178 14.87 3.04 -29.19
C ILE A 178 13.68 2.57 -30.05
N LEU A 179 12.47 2.56 -29.50
CA LEU A 179 11.32 2.26 -30.34
C LEU A 179 11.22 3.25 -31.50
N ASP A 180 11.73 4.47 -31.28
CA ASP A 180 11.73 5.53 -32.28
C ASP A 180 12.37 5.07 -33.57
N LEU A 181 13.25 4.06 -33.49
N LEU A 181 13.23 4.08 -33.46
CA LEU A 181 13.92 3.54 -34.68
CA LEU A 181 13.94 3.61 -34.62
C LEU A 181 12.94 3.10 -35.74
C LEU A 181 12.99 3.00 -35.67
N VAL A 182 11.74 2.75 -35.30
CA VAL A 182 10.73 2.30 -36.26
C VAL A 182 10.32 3.48 -37.13
N GLU A 183 10.32 4.68 -36.54
CA GLU A 183 9.94 5.90 -37.25
C GLU A 183 11.15 6.46 -37.99
N LYS A 184 12.19 6.79 -37.23
CA LYS A 184 13.34 7.53 -37.75
C LYS A 184 14.10 6.79 -38.85
N GLU A 185 14.52 5.55 -38.59
CA GLU A 185 15.23 4.78 -39.61
C GLU A 185 14.30 4.12 -40.63
N SER A 186 13.11 3.69 -40.23
CA SER A 186 12.16 3.06 -41.16
C SER A 186 10.94 3.87 -41.70
N GLY A 187 10.71 5.09 -41.22
CA GLY A 187 9.57 5.89 -41.68
C GLY A 187 8.17 5.34 -41.43
N ILE A 188 8.05 4.44 -40.46
CA ILE A 188 6.74 3.82 -40.19
C ILE A 188 6.14 4.39 -38.90
N THR A 189 4.91 4.86 -39.02
N THR A 189 4.95 4.96 -38.98
CA THR A 189 4.15 5.42 -37.91
CA THR A 189 4.25 5.39 -37.76
C THR A 189 3.02 4.47 -37.49
C THR A 189 3.06 4.50 -37.47
N ILE A 190 3.08 3.94 -36.26
CA ILE A 190 2.03 3.05 -35.78
C ILE A 190 1.23 3.73 -34.68
N GLU A 191 0.00 4.12 -35.02
CA GLU A 191 -0.81 4.96 -34.13
C GLU A 191 -1.06 4.27 -32.79
N GLY A 192 -0.86 5.02 -31.71
CA GLY A 192 -0.98 4.50 -30.36
C GLY A 192 0.23 3.69 -29.88
N VAL A 193 1.12 3.29 -30.79
CA VAL A 193 2.33 2.51 -30.44
C VAL A 193 3.57 3.40 -30.32
N ASN A 194 3.99 4.07 -31.41
CA ASN A 194 4.95 5.18 -31.30
C ASN A 194 4.31 6.59 -31.32
N THR A 195 2.98 6.67 -31.22
CA THR A 195 2.28 7.97 -31.07
C THR A 195 1.30 7.86 -29.90
N PRO A 196 0.91 9.01 -29.30
CA PRO A 196 0.00 8.91 -28.13
C PRO A 196 -1.47 8.70 -28.42
N TYR A 197 -2.12 8.03 -27.47
CA TYR A 197 -3.55 7.78 -27.45
C TYR A 197 -4.17 8.34 -26.18
N LEU A 198 -5.36 8.90 -26.30
CA LEU A 198 -6.15 9.29 -25.12
C LEU A 198 -7.30 8.32 -24.91
N TYR A 199 -7.63 8.13 -23.63
CA TYR A 199 -8.74 7.30 -23.18
C TYR A 199 -9.59 8.08 -22.20
N PHE A 200 -10.83 8.35 -22.59
CA PHE A 200 -11.80 8.96 -21.69
C PHE A 200 -12.64 7.85 -21.11
N GLY A 201 -12.54 7.62 -19.80
CA GLY A 201 -13.27 6.52 -19.20
C GLY A 201 -14.50 7.00 -18.47
N MET A 202 -15.39 6.04 -18.19
CA MET A 202 -16.48 6.22 -17.24
C MET A 202 -16.51 4.98 -16.34
N TRP A 203 -17.40 4.96 -15.34
CA TRP A 203 -17.48 3.83 -14.43
C TRP A 203 -17.68 2.54 -15.19
N LYS A 204 -16.89 1.53 -14.83
CA LYS A 204 -17.09 0.18 -15.31
C LYS A 204 -16.53 -0.06 -16.72
N THR A 205 -15.97 0.95 -17.37
CA THR A 205 -15.28 0.70 -18.63
C THR A 205 -14.03 -0.13 -18.33
N SER A 206 -13.75 -1.09 -19.21
CA SER A 206 -12.77 -2.15 -18.93
C SER A 206 -11.65 -2.20 -19.95
N PHE A 207 -10.50 -2.69 -19.51
CA PHE A 207 -9.54 -3.19 -20.47
C PHE A 207 -9.22 -4.65 -20.15
N ALA A 208 -9.38 -5.47 -21.18
CA ALA A 208 -9.25 -6.91 -21.10
C ALA A 208 -7.80 -7.36 -20.96
N TRP A 209 -7.59 -8.60 -20.55
CA TRP A 209 -6.26 -9.17 -20.34
C TRP A 209 -5.45 -9.15 -21.61
N HIS A 210 -4.26 -8.55 -21.55
CA HIS A 210 -3.40 -8.52 -22.73
C HIS A 210 -1.98 -8.20 -22.32
N THR A 211 -1.03 -8.53 -23.19
CA THR A 211 0.26 -7.84 -23.18
C THR A 211 0.23 -6.80 -24.31
N GLU A 212 1.26 -5.96 -24.40
CA GLU A 212 1.31 -4.95 -25.45
C GLU A 212 1.60 -5.57 -26.80
N ASP A 213 1.26 -4.84 -27.87
CA ASP A 213 1.70 -5.24 -29.20
C ASP A 213 3.22 -5.47 -29.20
N MET A 214 3.67 -6.55 -29.85
CA MET A 214 5.07 -6.95 -29.95
C MET A 214 5.71 -7.12 -28.56
N ASP A 215 4.87 -7.36 -27.55
CA ASP A 215 5.27 -7.42 -26.14
C ASP A 215 6.16 -6.23 -25.72
N LEU A 216 5.81 -5.03 -26.19
CA LEU A 216 6.54 -3.82 -25.83
C LEU A 216 6.25 -3.41 -24.39
N TYR A 217 6.94 -2.36 -23.92
CA TYR A 217 6.50 -1.68 -22.70
C TYR A 217 5.33 -0.78 -23.02
N SER A 218 4.55 -0.43 -21.99
CA SER A 218 3.68 0.75 -22.16
C SER A 218 3.77 1.71 -21.00
N ILE A 219 3.42 2.96 -21.29
CA ILE A 219 3.36 4.00 -20.27
C ILE A 219 1.96 4.56 -20.25
N ASN A 220 1.45 4.83 -19.06
CA ASN A 220 0.08 5.33 -18.94
C ASN A 220 0.03 6.44 -17.90
N TYR A 221 -0.43 7.62 -18.31
CA TYR A 221 -0.61 8.72 -17.35
C TYR A 221 -2.06 9.08 -17.17
N LEU A 222 -2.51 9.16 -15.93
CA LEU A 222 -3.91 9.51 -15.69
C LEU A 222 -3.98 11.02 -15.51
N HIS A 223 -4.52 11.73 -16.52
CA HIS A 223 -4.51 13.19 -16.50
C HIS A 223 -5.40 13.79 -15.43
N PHE A 224 -6.62 13.28 -15.31
CA PHE A 224 -7.53 13.78 -14.31
C PHE A 224 -8.64 12.78 -14.08
N GLY A 225 -9.46 13.08 -13.09
CA GLY A 225 -10.67 12.33 -12.84
C GLY A 225 -10.52 11.20 -11.86
N GLU A 226 -11.47 10.27 -11.93
N GLU A 226 -11.45 10.26 -11.94
CA GLU A 226 -11.51 9.12 -11.03
CA GLU A 226 -11.50 9.14 -11.01
C GLU A 226 -10.44 8.09 -11.35
C GLU A 226 -10.44 8.10 -11.35
N PRO A 227 -10.17 7.20 -10.39
CA PRO A 227 -9.05 6.27 -10.57
C PRO A 227 -9.26 5.19 -11.61
N LYS A 228 -8.15 4.54 -11.94
CA LYS A 228 -8.12 3.37 -12.81
C LYS A 228 -7.50 2.24 -12.01
N SER A 229 -8.18 1.09 -11.89
CA SER A 229 -7.61 -0.06 -11.17
C SER A 229 -7.09 -1.09 -12.15
N TRP A 230 -5.99 -1.74 -11.74
CA TRP A 230 -5.18 -2.59 -12.61
C TRP A 230 -4.95 -3.93 -11.92
N TYR A 231 -4.92 -4.97 -12.74
CA TYR A 231 -4.46 -6.30 -12.34
C TYR A 231 -3.27 -6.65 -13.20
N SER A 232 -2.33 -7.38 -12.60
CA SER A 232 -1.13 -7.74 -13.34
C SER A 232 -0.66 -9.15 -13.02
N VAL A 233 -0.20 -9.87 -14.06
CA VAL A 233 0.43 -11.18 -13.87
C VAL A 233 1.93 -11.06 -14.16
N PRO A 234 2.77 -11.54 -13.24
CA PRO A 234 4.23 -11.48 -13.54
C PRO A 234 4.59 -12.10 -14.87
N PRO A 235 5.48 -11.45 -15.65
CA PRO A 235 5.87 -12.07 -16.93
C PRO A 235 6.33 -13.53 -16.77
N GLU A 236 6.99 -13.85 -15.66
CA GLU A 236 7.46 -15.23 -15.51
C GLU A 236 6.32 -16.23 -15.36
N HIS A 237 5.11 -15.74 -15.05
CA HIS A 237 3.89 -16.59 -15.05
C HIS A 237 2.94 -16.39 -16.24
N GLY A 238 3.31 -15.51 -17.19
CA GLY A 238 2.42 -15.21 -18.28
C GLY A 238 1.93 -16.45 -19.04
N LYS A 239 2.81 -17.43 -19.21
CA LYS A 239 2.44 -18.64 -19.94
C LYS A 239 1.37 -19.40 -19.21
N ARG A 240 1.34 -19.29 -17.88
N ARG A 240 1.35 -19.30 -17.87
CA ARG A 240 0.32 -20.01 -17.13
CA ARG A 240 0.32 -20.00 -17.12
C ARG A 240 -1.06 -19.41 -17.37
C ARG A 240 -1.06 -19.40 -17.38
N LEU A 241 -1.11 -18.08 -17.46
CA LEU A 241 -2.34 -17.39 -17.76
C LEU A 241 -2.84 -17.76 -19.16
N GLU A 242 -1.94 -17.80 -20.13
CA GLU A 242 -2.31 -18.20 -21.50
C GLU A 242 -2.90 -19.61 -21.55
N ARG A 243 -2.28 -20.55 -20.85
CA ARG A 243 -2.79 -21.92 -20.86
C ARG A 243 -4.15 -21.95 -20.19
N LEU A 244 -4.32 -21.16 -19.14
CA LEU A 244 -5.61 -21.05 -18.49
C LEU A 244 -6.67 -20.53 -19.45
N ALA A 245 -6.36 -19.45 -20.15
CA ALA A 245 -7.33 -18.84 -21.04
C ALA A 245 -7.68 -19.78 -22.19
N LYS A 246 -6.67 -20.48 -22.70
CA LYS A 246 -6.88 -21.44 -23.77
C LYS A 246 -7.82 -22.56 -23.30
N GLY A 247 -7.70 -22.95 -22.05
CA GLY A 247 -8.58 -23.96 -21.48
C GLY A 247 -10.03 -23.52 -21.43
N PHE A 248 -10.27 -22.27 -21.03
CA PHE A 248 -11.64 -21.75 -20.92
C PHE A 248 -12.27 -21.43 -22.27
N PHE A 249 -11.44 -21.04 -23.24
CA PHE A 249 -11.91 -20.61 -24.56
C PHE A 249 -11.22 -21.37 -25.69
N PRO A 250 -11.40 -22.70 -25.75
CA PRO A 250 -10.72 -23.55 -26.74
C PRO A 250 -10.98 -23.19 -28.21
N GLY A 251 -12.21 -22.77 -28.52
CA GLY A 251 -12.54 -22.34 -29.87
C GLY A 251 -11.73 -21.12 -30.31
N SER A 252 -11.73 -20.10 -29.45
CA SER A 252 -10.95 -18.90 -29.70
C SER A 252 -9.48 -19.27 -29.91
N ALA A 253 -8.96 -20.13 -29.04
CA ALA A 253 -7.57 -20.54 -29.11
C ALA A 253 -7.30 -21.30 -30.39
N GLN A 254 -8.26 -22.12 -30.82
CA GLN A 254 -8.10 -22.89 -32.06
C GLN A 254 -8.10 -21.97 -33.28
N SER A 255 -8.87 -20.89 -33.23
CA SER A 255 -8.89 -19.96 -34.37
C SER A 255 -7.68 -19.03 -34.50
N CYS A 256 -7.12 -18.66 -33.36
CA CYS A 256 -5.93 -17.82 -33.30
C CYS A 256 -5.15 -18.21 -32.05
N GLU A 257 -3.85 -18.47 -32.13
N GLU A 257 -3.85 -18.42 -32.22
CA GLU A 257 -3.11 -18.82 -30.90
CA GLU A 257 -2.94 -18.77 -31.12
C GLU A 257 -3.07 -17.63 -29.94
C GLU A 257 -2.96 -17.69 -30.04
N ALA A 258 -2.84 -16.45 -30.50
CA ALA A 258 -2.67 -15.24 -29.72
C ALA A 258 -4.02 -14.54 -29.44
N PHE A 259 -5.13 -15.25 -29.45
CA PHE A 259 -6.44 -14.60 -29.33
C PHE A 259 -6.56 -13.59 -28.17
N LEU A 260 -5.74 -13.68 -27.12
CA LEU A 260 -5.81 -12.64 -26.07
C LEU A 260 -5.45 -11.26 -26.63
N ARG A 261 -4.70 -11.22 -27.74
CA ARG A 261 -4.38 -9.94 -28.36
C ARG A 261 -5.63 -9.27 -28.93
N HIS A 262 -6.74 -10.00 -29.02
CA HIS A 262 -8.00 -9.38 -29.46
C HIS A 262 -8.57 -8.43 -28.42
N LYS A 263 -8.05 -8.51 -27.19
CA LYS A 263 -8.44 -7.67 -26.06
C LYS A 263 -9.93 -7.76 -25.77
N MET A 264 -10.46 -8.96 -25.95
CA MET A 264 -11.85 -9.28 -25.58
C MET A 264 -12.07 -10.12 -24.31
N THR A 265 -11.01 -10.58 -23.66
CA THR A 265 -11.18 -11.64 -22.66
C THR A 265 -11.00 -11.08 -21.26
N LEU A 266 -12.05 -11.21 -20.45
CA LEU A 266 -12.04 -10.75 -19.05
C LEU A 266 -12.09 -11.95 -18.10
N ILE A 267 -11.25 -11.91 -17.08
CA ILE A 267 -11.13 -13.02 -16.15
C ILE A 267 -10.99 -12.41 -14.79
N SER A 268 -11.84 -12.83 -13.86
CA SER A 268 -11.85 -12.22 -12.54
C SER A 268 -10.70 -12.69 -11.67
N PRO A 269 -10.34 -11.87 -10.67
CA PRO A 269 -9.30 -12.27 -9.74
C PRO A 269 -9.67 -13.55 -8.96
N LEU A 270 -10.96 -13.76 -8.75
CA LEU A 270 -11.38 -14.97 -8.06
C LEU A 270 -10.98 -16.22 -8.89
N MET A 271 -11.11 -16.13 -10.21
CA MET A 271 -10.75 -17.27 -11.05
C MET A 271 -9.23 -17.45 -11.09
N LEU A 272 -8.51 -16.33 -11.22
CA LEU A 272 -7.06 -16.41 -11.16
C LEU A 272 -6.65 -17.12 -9.89
N LYS A 273 -7.24 -16.74 -8.76
CA LYS A 273 -6.86 -17.31 -7.48
C LYS A 273 -7.23 -18.81 -7.43
N LYS A 274 -8.42 -19.13 -7.90
CA LYS A 274 -8.88 -20.52 -7.95
C LYS A 274 -7.93 -21.42 -8.71
N TYR A 275 -7.44 -20.94 -9.85
CA TYR A 275 -6.55 -21.77 -10.69
C TYR A 275 -5.06 -21.57 -10.41
N GLY A 276 -4.74 -20.80 -9.38
CA GLY A 276 -3.36 -20.66 -8.92
C GLY A 276 -2.47 -19.80 -9.80
N ILE A 277 -3.04 -18.81 -10.49
CA ILE A 277 -2.25 -17.84 -11.23
C ILE A 277 -1.81 -16.71 -10.30
N PRO A 278 -0.51 -16.51 -10.12
CA PRO A 278 -0.09 -15.36 -9.29
C PRO A 278 -0.49 -14.05 -9.94
N PHE A 279 -1.02 -13.11 -9.16
CA PHE A 279 -1.34 -11.79 -9.72
C PHE A 279 -1.29 -10.74 -8.62
N ASP A 280 -1.28 -9.47 -9.02
CA ASP A 280 -1.34 -8.40 -8.00
C ASP A 280 -2.30 -7.35 -8.53
N LYS A 281 -2.72 -6.45 -7.65
CA LYS A 281 -3.64 -5.40 -8.06
C LYS A 281 -3.14 -4.08 -7.54
N VAL A 282 -3.46 -3.02 -8.26
CA VAL A 282 -3.08 -1.68 -7.79
C VAL A 282 -4.07 -0.66 -8.36
N THR A 283 -4.26 0.45 -7.66
CA THR A 283 -5.12 1.50 -8.15
C THR A 283 -4.27 2.72 -8.45
N GLN A 284 -4.46 3.25 -9.66
CA GLN A 284 -3.78 4.43 -10.18
C GLN A 284 -4.71 5.64 -9.99
N GLU A 285 -4.14 6.70 -9.41
CA GLU A 285 -4.87 7.94 -9.13
C GLU A 285 -4.41 9.01 -10.09
N ALA A 286 -5.26 10.01 -10.32
CA ALA A 286 -4.91 11.12 -11.21
C ALA A 286 -3.54 11.65 -10.83
N GLY A 287 -2.71 11.91 -11.82
CA GLY A 287 -1.39 12.47 -11.61
C GLY A 287 -0.31 11.40 -11.50
N GLU A 288 -0.68 10.14 -11.65
CA GLU A 288 0.26 9.02 -11.49
C GLU A 288 0.50 8.28 -12.80
N PHE A 289 1.73 7.80 -12.98
CA PHE A 289 2.10 6.97 -14.11
C PHE A 289 2.05 5.49 -13.78
N MET A 290 1.59 4.69 -14.74
CA MET A 290 1.80 3.26 -14.69
C MET A 290 2.68 2.85 -15.86
N ILE A 291 3.59 1.91 -15.58
CA ILE A 291 4.48 1.33 -16.57
C ILE A 291 4.17 -0.16 -16.64
N THR A 292 3.94 -0.66 -17.85
CA THR A 292 3.85 -2.11 -18.02
C THR A 292 5.08 -2.56 -18.77
N PHE A 293 5.48 -3.79 -18.46
CA PHE A 293 6.74 -4.35 -18.87
C PHE A 293 6.54 -5.45 -19.88
N PRO A 294 7.59 -5.73 -20.68
CA PRO A 294 7.40 -6.75 -21.72
C PRO A 294 6.84 -8.06 -21.17
N TYR A 295 5.79 -8.51 -21.84
CA TYR A 295 5.07 -9.74 -21.54
C TYR A 295 4.40 -9.70 -20.15
N GLY A 296 4.18 -8.50 -19.62
CA GLY A 296 3.29 -8.35 -18.48
C GLY A 296 1.86 -8.37 -18.90
N TYR A 297 1.11 -9.36 -18.45
CA TYR A 297 -0.32 -9.38 -18.73
C TYR A 297 -1.00 -8.45 -17.76
N HIS A 298 -1.93 -7.63 -18.25
CA HIS A 298 -2.66 -6.75 -17.36
C HIS A 298 -4.06 -6.52 -17.88
N ALA A 299 -4.90 -6.10 -16.95
CA ALA A 299 -6.32 -5.85 -17.22
C ALA A 299 -6.81 -4.86 -16.17
N GLY A 300 -7.98 -4.25 -16.36
CA GLY A 300 -8.50 -3.42 -15.30
C GLY A 300 -9.78 -2.72 -15.65
N PHE A 301 -10.09 -1.69 -14.86
CA PHE A 301 -11.32 -0.92 -15.08
C PHE A 301 -11.19 0.50 -14.54
N ASN A 302 -12.01 1.39 -15.09
CA ASN A 302 -12.08 2.77 -14.62
C ASN A 302 -13.16 2.97 -13.57
N HIS A 303 -12.85 3.78 -12.56
CA HIS A 303 -13.79 4.01 -11.46
C HIS A 303 -14.88 4.99 -11.80
N GLY A 304 -14.64 5.85 -12.77
CA GLY A 304 -15.57 6.91 -13.08
C GLY A 304 -14.99 7.73 -14.18
N PHE A 305 -15.55 8.92 -14.39
CA PHE A 305 -15.10 9.76 -15.49
C PHE A 305 -13.67 10.12 -15.29
N ASN A 306 -12.87 9.82 -16.31
CA ASN A 306 -11.45 10.18 -16.26
C ASN A 306 -10.85 10.25 -17.63
N CYS A 307 -9.57 10.65 -17.69
CA CYS A 307 -8.83 10.74 -18.93
C CYS A 307 -7.40 10.28 -18.75
N ALA A 308 -6.98 9.34 -19.59
CA ALA A 308 -5.64 8.77 -19.51
C ALA A 308 -4.95 8.88 -20.88
N GLU A 309 -3.64 9.05 -20.84
CA GLU A 309 -2.81 9.12 -22.04
C GLU A 309 -1.80 7.99 -22.05
N SER A 310 -1.60 7.35 -23.20
N SER A 310 -1.56 7.39 -23.22
CA SER A 310 -0.61 6.28 -23.24
CA SER A 310 -0.73 6.19 -23.28
C SER A 310 -0.01 6.00 -24.61
C SER A 310 -0.02 6.00 -24.61
N THR A 311 1.11 5.27 -24.57
CA THR A 311 1.83 4.85 -25.76
C THR A 311 2.74 3.69 -25.34
N ASN A 312 3.44 3.13 -26.32
CA ASN A 312 4.39 2.05 -26.11
C ASN A 312 5.79 2.58 -26.19
N PHE A 313 6.70 1.88 -25.51
CA PHE A 313 8.09 2.24 -25.70
C PHE A 313 8.93 0.97 -25.53
N ALA A 314 10.24 1.14 -25.74
CA ALA A 314 11.15 0.01 -25.68
C ALA A 314 12.40 0.35 -24.87
N THR A 315 13.11 -0.71 -24.50
CA THR A 315 14.48 -0.65 -24.00
C THR A 315 15.27 -1.73 -24.73
N ARG A 316 16.58 -1.86 -24.46
CA ARG A 316 17.38 -2.91 -25.11
C ARG A 316 16.85 -4.32 -24.77
N ARG A 317 16.43 -4.48 -23.52
CA ARG A 317 15.90 -5.73 -23.03
C ARG A 317 14.68 -6.20 -23.85
N TRP A 318 13.90 -5.25 -24.35
CA TRP A 318 12.72 -5.60 -25.12
C TRP A 318 13.08 -6.36 -26.39
N ILE A 319 14.28 -6.13 -26.94
CA ILE A 319 14.51 -6.62 -28.30
C ILE A 319 14.26 -8.14 -28.40
N GLU A 320 14.70 -8.89 -27.40
CA GLU A 320 14.49 -10.33 -27.42
C GLU A 320 13.01 -10.68 -27.31
N TYR A 321 12.24 -9.88 -26.58
CA TYR A 321 10.81 -10.15 -26.47
C TYR A 321 10.14 -9.94 -27.84
N GLY A 322 10.51 -8.83 -28.48
CA GLY A 322 10.05 -8.49 -29.82
C GLY A 322 10.30 -9.63 -30.78
N LYS A 323 11.52 -10.17 -30.72
CA LYS A 323 11.88 -11.29 -31.57
C LYS A 323 11.02 -12.52 -31.28
N GLN A 324 10.57 -12.68 -30.03
CA GLN A 324 9.89 -13.94 -29.69
C GLN A 324 8.37 -13.83 -29.61
N ALA A 325 7.86 -12.62 -29.79
CA ALA A 325 6.44 -12.37 -29.53
C ALA A 325 5.57 -13.26 -30.40
N VAL A 326 4.53 -13.85 -29.82
CA VAL A 326 3.56 -14.62 -30.59
C VAL A 326 2.45 -13.68 -31.00
N LEU A 327 2.19 -13.58 -32.30
CA LEU A 327 1.32 -12.53 -32.82
C LEU A 327 0.01 -13.09 -33.33
N CYS A 328 -1.02 -12.24 -33.39
CA CYS A 328 -2.33 -12.63 -33.88
C CYS A 328 -2.22 -12.96 -35.37
N SER A 329 -2.65 -14.17 -35.72
CA SER A 329 -2.73 -14.66 -37.10
C SER A 329 -4.00 -14.26 -37.87
N CYS A 330 -5.13 -14.24 -37.16
CA CYS A 330 -6.45 -14.31 -37.78
C CYS A 330 -7.03 -13.00 -38.29
N ARG A 331 -6.44 -11.87 -37.87
CA ARG A 331 -7.03 -10.57 -38.16
C ARG A 331 -6.17 -9.77 -39.11
N LYS A 332 -6.83 -8.86 -39.83
CA LYS A 332 -6.19 -8.01 -40.83
C LYS A 332 -5.51 -6.77 -40.22
N ASP A 333 -4.27 -6.54 -40.63
CA ASP A 333 -3.50 -5.36 -40.27
C ASP A 333 -3.32 -5.18 -38.74
N MET A 334 -2.95 -6.27 -38.08
CA MET A 334 -2.49 -6.22 -36.70
C MET A 334 -1.08 -5.64 -36.67
N VAL A 335 -0.65 -5.18 -35.50
CA VAL A 335 0.64 -4.53 -35.39
C VAL A 335 1.75 -5.58 -35.40
N LYS A 336 2.59 -5.48 -36.42
CA LYS A 336 3.72 -6.35 -36.64
C LYS A 336 4.88 -5.42 -36.95
N ILE A 337 5.89 -5.44 -36.09
CA ILE A 337 7.04 -4.58 -36.23
C ILE A 337 8.17 -5.47 -36.71
N SER A 338 8.79 -5.09 -37.82
CA SER A 338 9.96 -5.82 -38.31
C SER A 338 11.10 -5.67 -37.30
N MET A 339 11.64 -6.80 -36.82
CA MET A 339 12.68 -6.75 -35.80
C MET A 339 14.07 -6.56 -36.39
N ASP A 340 14.15 -6.62 -37.71
CA ASP A 340 15.40 -6.67 -38.41
C ASP A 340 16.34 -5.50 -38.02
N VAL A 341 15.83 -4.28 -38.06
CA VAL A 341 16.62 -3.12 -37.72
C VAL A 341 17.23 -3.18 -36.28
N PHE A 342 16.47 -3.73 -35.33
CA PHE A 342 16.93 -3.85 -33.94
C PHE A 342 18.00 -4.91 -33.78
N VAL A 343 17.80 -6.06 -34.43
CA VAL A 343 18.78 -7.14 -34.36
C VAL A 343 20.06 -6.66 -35.04
N ARG A 344 19.90 -6.01 -36.18
N ARG A 344 19.92 -6.02 -36.19
CA ARG A 344 21.03 -5.48 -36.92
CA ARG A 344 21.07 -5.49 -36.91
C ARG A 344 21.86 -4.48 -36.10
C ARG A 344 21.87 -4.48 -36.09
N LYS A 345 21.19 -3.51 -35.50
CA LYS A 345 21.91 -2.49 -34.72
C LYS A 345 22.41 -2.96 -33.34
N PHE A 346 21.55 -3.58 -32.54
CA PHE A 346 21.95 -3.97 -31.18
C PHE A 346 22.42 -5.41 -30.97
N GLN A 347 22.20 -6.30 -31.94
CA GLN A 347 22.71 -7.67 -31.80
C GLN A 347 23.43 -8.12 -33.07
N PRO A 348 24.45 -7.36 -33.50
CA PRO A 348 25.04 -7.68 -34.80
C PRO A 348 25.63 -9.07 -34.88
N GLU A 349 26.14 -9.57 -33.76
CA GLU A 349 26.83 -10.85 -33.78
C GLU A 349 25.84 -12.02 -33.83
N ARG A 350 24.57 -11.74 -33.54
N ARG A 350 24.56 -11.73 -33.55
CA ARG A 350 23.50 -12.73 -33.66
CA ARG A 350 23.48 -12.71 -33.66
C ARG A 350 22.63 -12.59 -34.93
C ARG A 350 22.65 -12.61 -34.94
N TYR A 351 22.88 -11.57 -35.74
CA TYR A 351 22.01 -11.28 -36.90
C TYR A 351 21.99 -12.39 -37.95
N LYS A 352 23.16 -12.82 -38.39
CA LYS A 352 23.22 -13.92 -39.34
C LYS A 352 22.44 -15.15 -38.83
N LEU A 353 22.69 -15.58 -37.61
CA LEU A 353 21.99 -16.71 -37.02
C LEU A 353 20.48 -16.50 -37.01
N TRP A 354 20.07 -15.33 -36.54
CA TRP A 354 18.65 -14.99 -36.42
C TRP A 354 17.94 -15.01 -37.79
N LYS A 355 18.58 -14.44 -38.81
CA LYS A 355 18.01 -14.43 -40.17
C LYS A 355 17.80 -15.85 -40.68
N ALA A 356 18.66 -16.76 -40.21
CA ALA A 356 18.61 -18.15 -40.63
C ALA A 356 17.57 -18.98 -39.84
N GLY A 357 16.96 -18.40 -38.81
CA GLY A 357 16.03 -19.10 -37.95
C GLY A 357 16.67 -19.97 -36.87
N LYS A 358 17.97 -19.80 -36.69
CA LYS A 358 18.76 -20.58 -35.72
C LYS A 358 19.03 -19.87 -34.38
N ASP A 359 18.38 -18.73 -34.11
CA ASP A 359 18.65 -18.05 -32.85
C ASP A 359 17.70 -18.62 -31.80
N ASN A 360 18.29 -19.42 -30.91
N ASN A 360 18.29 -19.42 -30.92
CA ASN A 360 17.55 -20.17 -29.90
CA ASN A 360 17.57 -20.19 -29.90
C ASN A 360 17.56 -19.55 -28.51
C ASN A 360 17.57 -19.55 -28.51
N THR A 361 17.91 -18.26 -28.41
CA THR A 361 17.98 -17.56 -27.12
C THR A 361 16.72 -17.78 -26.27
N VAL A 362 16.94 -18.02 -24.97
CA VAL A 362 15.86 -18.20 -24.00
C VAL A 362 15.79 -16.97 -23.10
N ILE A 363 14.62 -16.35 -22.99
CA ILE A 363 14.46 -15.18 -22.15
C ILE A 363 14.34 -15.52 -20.66
N ASP A 364 15.13 -14.83 -19.84
CA ASP A 364 15.00 -14.87 -18.40
C ASP A 364 14.30 -13.58 -17.95
N HIS A 365 13.05 -13.72 -17.51
CA HIS A 365 12.18 -12.59 -17.19
C HIS A 365 12.62 -11.83 -15.94
N THR A 366 13.52 -12.43 -15.16
CA THR A 366 13.96 -11.77 -13.92
C THR A 366 15.06 -10.73 -14.13
N LEU A 367 15.79 -10.84 -15.24
CA LEU A 367 16.96 -9.98 -15.49
C LEU A 367 16.60 -8.55 -15.90
N PRO A 368 17.24 -7.55 -15.28
CA PRO A 368 16.98 -6.16 -15.69
C PRO A 368 17.64 -5.81 -17.03
N THR A 369 17.20 -4.72 -17.63
CA THR A 369 17.72 -4.32 -18.93
C THR A 369 19.21 -4.00 -18.70
N PRO A 370 20.07 -4.23 -19.73
CA PRO A 370 21.51 -3.97 -19.56
C PRO A 370 21.83 -2.59 -19.00
N GLU A 371 21.03 -1.60 -19.41
CA GLU A 371 21.23 -0.20 -19.04
C GLU A 371 21.24 -0.02 -17.53
N ALA A 372 20.71 -0.99 -16.80
CA ALA A 372 20.63 -0.94 -15.34
C ALA A 372 21.99 -1.20 -14.68
N ALA A 373 22.96 -1.64 -15.48
CA ALA A 373 24.25 -2.11 -14.96
C ALA A 373 24.87 -1.16 -13.94
N GLU A 374 24.88 0.12 -14.25
CA GLU A 374 25.52 1.11 -13.39
C GLU A 374 24.84 1.23 -12.02
N PHE A 375 23.56 0.86 -11.93
CA PHE A 375 22.87 0.90 -10.65
C PHE A 375 23.09 -0.40 -9.85
N LEU A 376 23.57 -1.45 -10.53
CA LEU A 376 23.76 -2.77 -9.93
C LEU A 376 25.23 -3.04 -9.66
N SER B 25 -20.08 7.85 3.49
CA SER B 25 -20.91 7.93 4.70
C SER B 25 -20.46 9.09 5.58
N GLU B 26 -21.25 9.38 6.61
CA GLU B 26 -20.92 10.46 7.55
C GLU B 26 -19.56 10.20 8.21
N SER B 27 -19.30 8.95 8.55
CA SER B 27 -18.04 8.56 9.19
C SER B 27 -16.86 8.66 8.23
N GLU B 28 -17.06 8.15 7.01
CA GLU B 28 -16.01 8.20 5.99
C GLU B 28 -15.63 9.64 5.63
N THR B 29 -16.50 10.59 5.97
CA THR B 29 -16.28 12.00 5.65
C THR B 29 -15.29 12.73 6.57
N LEU B 30 -15.10 12.20 7.79
CA LEU B 30 -14.23 12.83 8.79
C LEU B 30 -12.80 12.25 8.75
N ASN B 31 -11.82 13.13 8.62
CA ASN B 31 -10.41 12.74 8.44
C ASN B 31 -10.24 11.71 7.33
N PRO B 32 -10.72 12.06 6.12
CA PRO B 32 -10.71 11.14 4.98
C PRO B 32 -9.32 10.72 4.53
N SER B 33 -8.31 11.53 4.85
CA SER B 33 -6.93 11.21 4.50
C SER B 33 -6.31 10.28 5.54
N ALA B 34 -7.02 10.10 6.65
CA ALA B 34 -6.58 9.20 7.72
C ALA B 34 -5.22 9.57 8.28
N ARG B 35 -4.96 10.88 8.36
N ARG B 35 -4.94 10.88 8.34
CA ARG B 35 -3.71 11.40 8.89
CA ARG B 35 -3.69 11.38 8.90
C ARG B 35 -3.71 11.47 10.43
C ARG B 35 -3.71 11.46 10.42
N ILE B 36 -2.53 11.42 11.02
CA ILE B 36 -2.39 11.50 12.47
C ILE B 36 -2.78 12.89 12.94
N MET B 37 -3.72 12.95 13.88
CA MET B 37 -4.24 14.21 14.38
C MET B 37 -3.69 14.46 15.77
N THR B 38 -3.54 15.74 16.07
CA THR B 38 -3.03 16.21 17.35
C THR B 38 -4.06 17.09 18.02
N PHE B 39 -4.30 16.84 19.30
CA PHE B 39 -5.34 17.53 20.04
C PHE B 39 -4.74 18.25 21.24
N TYR B 40 -5.27 19.45 21.50
CA TYR B 40 -4.88 20.28 22.63
C TYR B 40 -6.10 20.56 23.50
N PRO B 41 -6.54 19.59 24.30
CA PRO B 41 -7.74 19.82 25.11
C PRO B 41 -7.54 20.90 26.16
N THR B 42 -8.63 21.57 26.51
CA THR B 42 -8.70 22.43 27.68
C THR B 42 -8.74 21.52 28.91
N MET B 43 -8.48 22.06 30.10
CA MET B 43 -8.47 21.26 31.32
C MET B 43 -9.84 20.65 31.59
N GLU B 44 -10.90 21.32 31.14
CA GLU B 44 -12.25 20.82 31.37
C GLU B 44 -12.53 19.62 30.45
N GLU B 45 -12.03 19.67 29.23
CA GLU B 45 -12.18 18.56 28.29
C GLU B 45 -11.33 17.38 28.74
N PHE B 46 -10.11 17.69 29.18
CA PHE B 46 -9.12 16.69 29.57
C PHE B 46 -9.59 15.86 30.76
N ARG B 47 -10.55 16.40 31.50
CA ARG B 47 -11.01 15.80 32.76
C ARG B 47 -11.57 14.38 32.64
N ASN B 48 -12.40 14.13 31.63
CA ASN B 48 -13.02 12.81 31.49
C ASN B 48 -12.42 12.04 30.34
N PHE B 49 -11.64 11.03 30.68
CA PHE B 49 -10.85 10.31 29.70
C PHE B 49 -11.70 9.69 28.58
N SER B 50 -12.65 8.85 28.96
CA SER B 50 -13.44 8.12 27.96
C SER B 50 -14.22 9.08 27.08
N ARG B 51 -14.70 10.16 27.69
N ARG B 51 -14.69 10.17 27.70
CA ARG B 51 -15.42 11.18 26.92
CA ARG B 51 -15.41 11.17 26.93
C ARG B 51 -14.52 11.80 25.86
C ARG B 51 -14.51 11.79 25.86
N TYR B 52 -13.29 12.17 26.23
CA TYR B 52 -12.37 12.76 25.25
C TYR B 52 -11.94 11.74 24.20
N ILE B 53 -11.79 10.47 24.55
CA ILE B 53 -11.52 9.49 23.49
C ILE B 53 -12.68 9.44 22.50
N ALA B 54 -13.90 9.38 23.02
CA ALA B 54 -15.05 9.43 22.10
C ALA B 54 -15.05 10.71 21.26
N TYR B 55 -14.70 11.82 21.89
CA TYR B 55 -14.57 13.06 21.14
C TYR B 55 -13.55 12.95 20.01
N ILE B 56 -12.34 12.48 20.30
CA ILE B 56 -11.34 12.51 19.24
C ILE B 56 -11.78 11.54 18.14
N GLU B 57 -12.49 10.47 18.51
CA GLU B 57 -13.06 9.60 17.46
C GLU B 57 -14.18 10.31 16.66
N SER B 58 -14.97 11.17 17.27
CA SER B 58 -16.00 11.89 16.49
C SER B 58 -15.35 12.79 15.42
N GLN B 59 -14.06 13.09 15.61
CA GLN B 59 -13.29 13.89 14.64
C GLN B 59 -12.48 13.04 13.65
N GLY B 60 -12.64 11.72 13.74
CA GLY B 60 -11.97 10.78 12.83
C GLY B 60 -10.51 10.46 13.15
N ALA B 61 -10.07 10.75 14.37
CA ALA B 61 -8.68 10.53 14.75
C ALA B 61 -8.28 9.04 14.59
N HIS B 62 -9.22 8.18 14.94
CA HIS B 62 -8.97 6.75 14.96
C HIS B 62 -8.65 6.23 13.58
N ARG B 63 -8.99 6.97 12.53
CA ARG B 63 -8.74 6.47 11.18
C ARG B 63 -7.25 6.40 10.96
N ALA B 64 -6.48 7.19 11.71
CA ALA B 64 -5.03 7.17 11.51
C ALA B 64 -4.37 5.94 12.17
N GLY B 65 -5.04 5.39 13.18
CA GLY B 65 -4.47 4.32 13.99
C GLY B 65 -3.75 4.86 15.20
N LEU B 66 -3.40 6.15 15.16
CA LEU B 66 -2.58 6.79 16.17
C LEU B 66 -2.97 8.27 16.30
N ALA B 67 -2.97 8.80 17.52
CA ALA B 67 -3.25 10.23 17.73
C ALA B 67 -2.44 10.75 18.87
N LYS B 68 -2.11 12.04 18.83
CA LYS B 68 -1.39 12.66 19.91
C LYS B 68 -2.31 13.57 20.70
N VAL B 69 -2.15 13.58 22.01
CA VAL B 69 -2.89 14.51 22.83
C VAL B 69 -1.91 15.20 23.74
N VAL B 70 -1.88 16.52 23.62
CA VAL B 70 -1.03 17.36 24.45
C VAL B 70 -1.87 17.87 25.60
N PRO B 71 -1.54 17.48 26.83
CA PRO B 71 -2.36 17.91 27.95
C PRO B 71 -2.13 19.38 28.31
N PRO B 72 -3.11 20.01 28.98
CA PRO B 72 -2.95 21.41 29.39
C PRO B 72 -1.65 21.61 30.17
N LYS B 73 -0.95 22.72 29.95
CA LYS B 73 0.37 22.97 30.57
C LYS B 73 0.25 22.98 32.09
N GLU B 74 -0.95 23.25 32.56
CA GLU B 74 -1.27 23.26 33.99
C GLU B 74 -0.92 21.92 34.64
N TRP B 75 -1.12 20.85 33.88
CA TRP B 75 -1.19 19.50 34.42
C TRP B 75 0.17 18.79 34.54
N LYS B 76 0.39 18.13 35.68
CA LYS B 76 1.56 17.28 35.85
C LYS B 76 1.15 15.99 36.59
N PRO B 77 1.65 14.82 36.14
CA PRO B 77 1.42 13.53 36.80
C PRO B 77 2.21 13.29 38.08
N ARG B 78 3.33 13.99 38.19
CA ARG B 78 4.27 13.79 39.28
C ARG B 78 4.96 15.11 39.54
N ALA B 79 5.25 15.37 40.81
CA ALA B 79 5.95 16.58 41.20
C ALA B 79 7.35 16.60 40.63
N SER B 80 8.11 15.54 40.93
CA SER B 80 9.49 15.42 40.46
C SER B 80 9.92 13.95 40.29
N TYR B 81 10.87 13.76 39.39
CA TYR B 81 11.43 12.46 39.06
C TYR B 81 12.76 12.14 39.79
N ASP B 82 13.09 12.88 40.84
N ASP B 82 13.10 12.89 40.83
CA ASP B 82 14.45 12.84 41.36
CA ASP B 82 14.49 12.83 41.31
C ASP B 82 14.79 11.59 42.17
C ASP B 82 14.79 11.62 42.21
N ASP B 83 13.81 10.81 42.58
CA ASP B 83 14.10 9.55 43.30
C ASP B 83 14.18 8.32 42.40
N ILE B 84 14.03 8.49 41.09
CA ILE B 84 13.93 7.36 40.19
C ILE B 84 15.20 6.51 40.15
N ASP B 85 16.38 7.08 40.42
CA ASP B 85 17.61 6.35 40.15
C ASP B 85 17.67 5.00 40.89
N ASP B 86 16.98 4.90 42.02
CA ASP B 86 17.00 3.67 42.82
C ASP B 86 16.05 2.58 42.26
N LEU B 87 15.11 2.98 41.42
CA LEU B 87 14.15 2.05 40.85
C LEU B 87 14.83 0.94 40.04
N VAL B 88 14.36 -0.28 40.24
CA VAL B 88 14.99 -1.45 39.66
C VAL B 88 14.30 -1.78 38.34
N ILE B 89 15.11 -2.26 37.40
CA ILE B 89 14.70 -2.70 36.07
C ILE B 89 15.06 -4.17 36.07
N PRO B 90 14.10 -5.02 36.47
CA PRO B 90 14.41 -6.43 36.68
C PRO B 90 14.97 -7.14 35.44
N ALA B 91 14.50 -6.79 34.25
CA ALA B 91 14.83 -7.56 33.06
C ALA B 91 15.10 -6.67 31.84
N PRO B 92 16.22 -5.96 31.86
CA PRO B 92 16.58 -5.14 30.72
C PRO B 92 16.83 -6.04 29.54
N ILE B 93 16.54 -5.60 28.33
N ILE B 93 16.59 -5.53 28.34
CA ILE B 93 16.78 -6.43 27.17
CA ILE B 93 16.71 -6.29 27.12
C ILE B 93 17.68 -5.75 26.15
C ILE B 93 17.75 -5.67 26.20
N GLN B 94 18.70 -6.47 25.72
CA GLN B 94 19.60 -6.00 24.69
C GLN B 94 18.96 -6.35 23.35
N GLN B 95 18.82 -5.35 22.47
CA GLN B 95 18.10 -5.58 21.21
C GLN B 95 19.05 -5.83 20.04
N LEU B 96 19.13 -7.08 19.62
CA LEU B 96 19.99 -7.48 18.50
C LEU B 96 19.12 -7.43 17.25
N VAL B 97 19.49 -6.65 16.26
CA VAL B 97 18.67 -6.59 15.04
C VAL B 97 19.43 -7.16 13.86
N THR B 98 18.75 -7.99 13.08
CA THR B 98 19.35 -8.61 11.91
C THR B 98 18.54 -8.29 10.69
N GLY B 99 19.22 -7.95 9.60
CA GLY B 99 18.52 -7.74 8.36
C GLY B 99 19.14 -6.76 7.41
N GLN B 100 18.40 -6.41 6.37
CA GLN B 100 18.93 -5.49 5.35
C GLN B 100 17.77 -4.99 4.48
N SER B 101 18.06 -4.05 3.59
CA SER B 101 17.07 -3.61 2.62
C SER B 101 15.72 -3.27 3.24
N GLY B 102 15.73 -2.65 4.42
CA GLY B 102 14.51 -2.20 5.06
C GLY B 102 13.69 -3.25 5.79
N LEU B 103 14.16 -4.48 5.80
CA LEU B 103 13.47 -5.57 6.47
C LEU B 103 14.37 -6.19 7.53
N PHE B 104 13.87 -6.20 8.77
CA PHE B 104 14.67 -6.63 9.89
C PHE B 104 13.88 -7.46 10.90
N THR B 105 14.62 -8.31 11.62
CA THR B 105 14.07 -9.05 12.76
C THR B 105 14.87 -8.73 14.01
N GLN B 106 14.15 -8.45 15.11
CA GLN B 106 14.78 -8.03 16.34
C GLN B 106 14.73 -9.15 17.37
N TYR B 107 15.90 -9.53 17.87
CA TYR B 107 16.03 -10.55 18.89
C TYR B 107 16.40 -9.91 20.23
N ASN B 108 15.65 -10.29 21.25
CA ASN B 108 15.86 -9.78 22.60
C ASN B 108 16.82 -10.66 23.39
N ILE B 109 17.80 -10.04 24.01
CA ILE B 109 18.73 -10.74 24.88
C ILE B 109 18.58 -10.17 26.28
N GLN B 110 18.07 -10.97 27.21
CA GLN B 110 17.81 -10.44 28.53
C GLN B 110 19.10 -10.35 29.29
N LYS B 111 19.29 -9.19 29.91
CA LYS B 111 20.46 -8.95 30.70
C LYS B 111 20.06 -8.96 32.15
N LYS B 112 21.06 -8.90 33.01
CA LYS B 112 20.81 -9.06 34.42
C LYS B 112 20.13 -7.80 34.95
N ALA B 113 19.43 -7.97 36.06
CA ALA B 113 18.67 -6.89 36.68
C ALA B 113 19.57 -5.68 36.87
N MET B 114 19.03 -4.47 36.72
CA MET B 114 19.84 -3.28 37.01
C MET B 114 18.98 -2.08 37.41
N THR B 115 19.57 -1.16 38.18
CA THR B 115 18.89 0.07 38.59
C THR B 115 18.85 1.11 37.48
N VAL B 116 17.96 2.08 37.62
CA VAL B 116 17.86 3.16 36.65
C VAL B 116 19.16 3.95 36.60
N ARG B 117 19.79 4.16 37.75
CA ARG B 117 21.08 4.85 37.77
C ARG B 117 22.04 4.24 36.74
N GLU B 118 22.20 2.93 36.85
CA GLU B 118 23.07 2.16 35.98
C GLU B 118 22.66 2.32 34.51
N PHE B 119 21.34 2.21 34.28
CA PHE B 119 20.78 2.35 32.94
C PHE B 119 21.10 3.71 32.33
N ARG B 120 20.80 4.77 33.06
CA ARG B 120 21.09 6.12 32.63
C ARG B 120 22.59 6.25 32.30
N LYS B 121 23.42 5.70 33.19
CA LYS B 121 24.87 5.72 33.00
C LYS B 121 25.23 5.15 31.62
N ILE B 122 24.76 3.93 31.37
CA ILE B 122 25.00 3.28 30.07
C ILE B 122 24.39 4.10 28.91
N ALA B 123 23.14 4.54 29.04
CA ALA B 123 22.44 5.32 28.02
C ALA B 123 23.19 6.55 27.54
N ASN B 124 23.77 7.28 28.50
CA ASN B 124 24.42 8.55 28.14
C ASN B 124 25.90 8.43 27.78
N SER B 125 26.47 7.25 28.00
CA SER B 125 27.89 7.02 27.71
C SER B 125 28.15 7.17 26.21
N ASP B 126 29.38 7.54 25.86
CA ASP B 126 29.73 7.84 24.46
C ASP B 126 29.31 6.74 23.51
N LYS B 127 29.39 5.51 23.98
CA LYS B 127 29.08 4.34 23.19
C LYS B 127 27.61 4.31 22.75
N TYR B 128 26.72 4.50 23.72
CA TYR B 128 25.27 4.37 23.44
C TYR B 128 24.49 5.67 23.19
N CYS B 129 25.15 6.82 23.30
CA CYS B 129 24.43 8.10 23.30
C CYS B 129 23.94 8.54 21.91
N THR B 130 22.98 9.46 21.88
CA THR B 130 22.39 9.98 20.65
C THR B 130 23.39 10.71 19.71
N PRO B 131 23.40 10.40 18.40
CA PRO B 131 24.23 11.18 17.48
C PRO B 131 23.75 12.63 17.20
N ARG B 132 24.61 13.47 16.62
CA ARG B 132 24.24 14.87 16.32
C ARG B 132 23.44 14.99 14.99
N TYR B 133 22.49 15.92 14.94
CA TYR B 133 21.65 16.14 13.74
C TYR B 133 20.97 17.51 13.73
N SER B 134 20.46 17.92 12.57
CA SER B 134 19.77 19.21 12.43
C SER B 134 18.24 19.01 12.33
N GLU B 135 17.80 18.27 11.31
CA GLU B 135 16.39 18.02 11.09
C GLU B 135 16.10 16.55 11.42
N PHE B 136 14.88 16.27 11.83
CA PHE B 136 14.47 14.93 12.24
C PHE B 136 14.74 13.87 11.16
N GLU B 137 14.66 14.30 9.90
CA GLU B 137 14.88 13.40 8.77
C GLU B 137 16.28 12.77 8.85
N GLU B 138 17.21 13.50 9.44
CA GLU B 138 18.59 13.06 9.56
C GLU B 138 18.75 11.96 10.63
N LEU B 139 18.12 12.18 11.78
CA LEU B 139 18.14 11.21 12.86
C LEU B 139 17.43 9.94 12.39
N GLU B 140 16.32 10.12 11.69
CA GLU B 140 15.60 9.00 11.14
C GLU B 140 16.46 8.17 10.17
N ARG B 141 17.14 8.88 9.25
CA ARG B 141 18.04 8.19 8.33
C ARG B 141 19.16 7.43 9.08
N LYS B 142 19.71 8.07 10.11
CA LYS B 142 20.70 7.38 10.90
C LYS B 142 20.14 6.16 11.64
N TYR B 143 18.90 6.26 12.11
CA TYR B 143 18.30 5.12 12.76
C TYR B 143 18.24 3.98 11.78
N TRP B 144 17.69 4.23 10.60
CA TRP B 144 17.49 3.11 9.68
C TRP B 144 18.80 2.61 9.08
N LYS B 145 19.83 3.45 9.09
CA LYS B 145 21.18 3.07 8.65
C LYS B 145 21.92 2.22 9.70
N ASN B 146 21.78 2.60 10.96
CA ASN B 146 22.56 1.98 12.04
C ASN B 146 21.90 0.95 12.97
N LEU B 147 20.63 0.60 12.76
N LEU B 147 20.67 0.60 12.61
CA LEU B 147 19.94 -0.14 13.81
CA LEU B 147 19.77 -0.21 13.41
C LEU B 147 20.42 -1.58 13.96
C LEU B 147 20.42 -1.51 13.89
N THR B 148 21.18 -2.11 13.00
CA THR B 148 21.76 -3.43 13.23
C THR B 148 23.13 -3.39 13.92
N PHE B 149 23.65 -2.19 14.23
CA PHE B 149 24.98 -2.02 14.85
C PHE B 149 24.86 -1.59 16.30
N ASN B 150 25.87 -1.93 17.12
CA ASN B 150 25.90 -1.48 18.51
C ASN B 150 24.58 -1.64 19.27
N PRO B 151 24.13 -2.89 19.45
CA PRO B 151 22.80 -3.14 19.99
C PRO B 151 22.61 -2.44 21.30
N PRO B 152 21.54 -1.64 21.39
CA PRO B 152 21.18 -0.93 22.62
C PRO B 152 20.49 -1.82 23.68
N ILE B 153 20.40 -1.30 24.89
CA ILE B 153 19.62 -1.92 25.96
C ILE B 153 18.32 -1.14 26.16
N TYR B 154 17.21 -1.87 26.28
CA TYR B 154 15.90 -1.28 26.50
C TYR B 154 15.41 -1.75 27.85
N GLY B 155 15.01 -0.77 28.65
CA GLY B 155 14.56 -0.84 30.02
C GLY B 155 13.07 -1.18 30.02
N ALA B 156 12.67 -2.07 29.11
CA ALA B 156 11.25 -2.35 28.85
C ALA B 156 10.45 -3.22 29.85
N ASP B 157 9.13 -3.06 29.78
CA ASP B 157 8.14 -3.88 30.51
C ASP B 157 8.37 -3.90 32.00
N VAL B 158 8.60 -2.72 32.57
CA VAL B 158 8.78 -2.61 34.00
C VAL B 158 7.42 -2.37 34.66
N ASN B 159 7.06 -3.26 35.58
CA ASN B 159 5.79 -3.16 36.26
C ASN B 159 5.79 -1.97 37.19
N GLY B 160 4.86 -1.03 36.98
CA GLY B 160 4.75 0.12 37.87
C GLY B 160 4.21 1.37 37.19
N THR B 161 4.04 2.43 37.98
CA THR B 161 3.52 3.72 37.54
C THR B 161 4.33 4.84 38.18
N LEU B 162 4.51 5.94 37.45
CA LEU B 162 5.10 7.14 38.03
C LEU B 162 4.07 8.20 38.40
N TYR B 163 2.79 7.86 38.24
CA TYR B 163 1.72 8.78 38.62
C TYR B 163 1.61 8.85 40.14
N GLU B 164 1.42 10.06 40.67
CA GLU B 164 1.12 10.23 42.08
C GLU B 164 -0.27 9.70 42.40
N LYS B 165 -0.45 9.15 43.61
CA LYS B 165 -1.68 8.45 43.98
C LYS B 165 -2.92 9.33 43.76
N HIS B 166 -2.74 10.64 43.81
CA HIS B 166 -3.88 11.56 43.81
C HIS B 166 -4.30 12.13 42.43
N VAL B 167 -3.58 11.83 41.36
CA VAL B 167 -3.91 12.40 40.05
C VAL B 167 -5.11 11.70 39.45
N ASP B 168 -6.20 12.44 39.23
CA ASP B 168 -7.45 11.84 38.73
C ASP B 168 -7.64 11.92 37.23
N GLU B 169 -6.79 12.66 36.54
CA GLU B 169 -6.96 12.86 35.10
C GLU B 169 -5.99 11.96 34.37
N TRP B 170 -6.50 11.23 33.39
CA TRP B 170 -5.71 10.36 32.51
C TRP B 170 -4.68 9.55 33.28
N ASN B 171 -5.10 8.98 34.39
CA ASN B 171 -4.19 8.20 35.21
C ASN B 171 -4.07 6.79 34.69
N ILE B 172 -2.89 6.44 34.23
CA ILE B 172 -2.73 5.21 33.46
C ILE B 172 -3.00 3.99 34.34
N GLY B 173 -2.88 4.16 35.64
CA GLY B 173 -3.20 3.12 36.58
C GLY B 173 -4.68 2.90 36.84
N ARG B 174 -5.50 3.94 36.77
CA ARG B 174 -6.93 3.70 36.74
C ARG B 174 -7.66 4.60 35.74
N LEU B 175 -7.92 4.10 34.54
CA LEU B 175 -8.59 4.92 33.53
C LEU B 175 -10.09 4.71 33.57
N ARG B 176 -10.49 3.66 34.26
CA ARG B 176 -11.89 3.30 34.40
C ARG B 176 -12.66 3.11 33.08
N THR B 177 -12.06 2.44 32.10
CA THR B 177 -12.79 2.03 30.89
C THR B 177 -13.40 0.64 31.06
N ILE B 178 -14.13 0.17 30.06
CA ILE B 178 -14.78 -1.14 30.20
C ILE B 178 -13.78 -2.30 30.20
N LEU B 179 -12.51 -2.04 29.90
CA LEU B 179 -11.50 -3.10 30.03
C LEU B 179 -11.43 -3.62 31.49
N ASP B 180 -11.83 -2.75 32.41
CA ASP B 180 -11.95 -3.12 33.81
C ASP B 180 -12.84 -4.33 34.04
N LEU B 181 -13.72 -4.67 33.09
CA LEU B 181 -14.60 -5.81 33.28
C LEU B 181 -13.83 -7.11 33.31
N VAL B 182 -12.64 -7.13 32.72
CA VAL B 182 -11.86 -8.38 32.77
C VAL B 182 -11.51 -8.75 34.23
N GLU B 183 -10.85 -7.86 34.94
CA GLU B 183 -10.46 -8.11 36.32
C GLU B 183 -11.68 -8.19 37.24
N LYS B 184 -12.66 -7.34 36.96
CA LYS B 184 -13.83 -7.22 37.83
C LYS B 184 -14.55 -8.55 37.91
N GLU B 185 -14.76 -9.17 36.77
CA GLU B 185 -15.47 -10.44 36.73
C GLU B 185 -14.62 -11.69 37.03
N SER B 186 -13.40 -11.75 36.48
CA SER B 186 -12.54 -12.91 36.64
C SER B 186 -11.35 -12.85 37.63
N GLY B 187 -11.03 -11.66 38.15
CA GLY B 187 -9.84 -11.49 38.99
C GLY B 187 -8.51 -11.49 38.24
N ILE B 188 -8.56 -11.68 36.92
CA ILE B 188 -7.35 -11.79 36.14
C ILE B 188 -6.69 -10.46 35.86
N THR B 189 -5.40 -10.36 36.20
CA THR B 189 -4.61 -9.21 35.78
C THR B 189 -3.61 -9.70 34.77
N ILE B 190 -3.39 -8.85 33.77
CA ILE B 190 -2.48 -9.13 32.68
C ILE B 190 -1.49 -7.99 32.63
N GLU B 191 -0.25 -8.24 32.99
CA GLU B 191 0.73 -7.17 33.15
C GLU B 191 0.91 -6.37 31.87
N GLY B 192 0.85 -5.04 32.02
CA GLY B 192 0.99 -4.14 30.89
C GLY B 192 -0.28 -3.95 30.10
N VAL B 193 -1.27 -4.81 30.30
CA VAL B 193 -2.51 -4.71 29.53
C VAL B 193 -3.59 -4.03 30.38
N ASN B 194 -4.01 -4.66 31.49
CA ASN B 194 -4.83 -3.97 32.49
C ASN B 194 -4.03 -3.49 33.72
N THR B 195 -2.70 -3.50 33.63
CA THR B 195 -1.85 -2.86 34.62
C THR B 195 -0.76 -2.04 33.87
N PRO B 196 -0.15 -1.02 34.50
CA PRO B 196 0.82 -0.20 33.76
C PRO B 196 2.23 -0.78 33.63
N TYR B 197 2.86 -0.42 32.52
CA TYR B 197 4.26 -0.70 32.27
C TYR B 197 5.04 0.59 32.15
N LEU B 198 6.27 0.56 32.64
CA LEU B 198 7.24 1.61 32.40
C LEU B 198 8.28 1.14 31.40
N TYR B 199 8.70 2.05 30.55
CA TYR B 199 9.74 1.78 29.59
C TYR B 199 10.88 2.79 29.67
N PHE B 200 12.08 2.33 29.96
CA PHE B 200 13.22 3.23 29.96
C PHE B 200 14.01 3.02 28.69
N GLY B 201 14.05 4.06 27.86
CA GLY B 201 14.69 3.93 26.58
C GLY B 201 16.04 4.59 26.48
N MET B 202 16.78 4.20 25.44
CA MET B 202 18.04 4.85 25.05
C MET B 202 18.04 4.94 23.53
N TRP B 203 19.00 5.69 22.98
CA TRP B 203 19.02 5.89 21.54
C TRP B 203 18.94 4.57 20.78
N LYS B 204 18.08 4.55 19.77
CA LYS B 204 18.03 3.44 18.81
C LYS B 204 17.31 2.20 19.35
N THR B 205 16.83 2.25 20.59
CA THR B 205 15.91 1.20 21.05
C THR B 205 14.58 1.33 20.27
N SER B 206 14.00 0.19 19.93
CA SER B 206 12.90 0.09 18.98
C SER B 206 11.70 -0.66 19.50
N PHE B 207 10.56 -0.35 18.91
CA PHE B 207 9.40 -1.20 19.06
C PHE B 207 8.92 -1.58 17.67
N ALA B 208 8.82 -2.89 17.47
CA ALA B 208 8.48 -3.50 16.21
C ALA B 208 7.04 -3.26 15.81
N TRP B 209 6.73 -3.48 14.52
CA TRP B 209 5.34 -3.36 14.04
C TRP B 209 4.38 -4.29 14.74
N HIS B 210 3.32 -3.71 15.30
CA HIS B 210 2.32 -4.51 15.97
C HIS B 210 0.99 -3.75 16.13
N THR B 211 -0.06 -4.51 16.36
CA THR B 211 -1.25 -3.97 17.02
C THR B 211 -1.22 -4.46 18.45
N GLU B 212 -2.13 -3.97 19.30
CA GLU B 212 -2.13 -4.37 20.68
C GLU B 212 -2.72 -5.75 20.87
N ASP B 213 -2.40 -6.37 22.01
CA ASP B 213 -3.07 -7.60 22.38
C ASP B 213 -4.59 -7.45 22.30
N MET B 214 -5.22 -8.45 21.68
CA MET B 214 -6.69 -8.48 21.47
C MET B 214 -7.15 -7.27 20.68
N ASP B 215 -6.23 -6.67 19.93
CA ASP B 215 -6.47 -5.42 19.18
C ASP B 215 -7.13 -4.32 20.03
N LEU B 216 -6.67 -4.18 21.27
CA LEU B 216 -7.13 -3.11 22.13
C LEU B 216 -6.59 -1.74 21.73
N TYR B 217 -7.06 -0.71 22.45
CA TYR B 217 -6.41 0.57 22.40
C TYR B 217 -5.15 0.55 23.28
N SER B 218 -4.25 1.49 23.02
CA SER B 218 -3.26 1.77 24.04
C SER B 218 -3.07 3.25 24.28
N ILE B 219 -2.57 3.54 25.48
CA ILE B 219 -2.20 4.90 25.87
C ILE B 219 -0.73 4.91 26.27
N ASN B 220 0.00 5.94 25.84
CA ASN B 220 1.43 6.05 26.13
C ASN B 220 1.73 7.48 26.54
N TYR B 221 2.30 7.65 27.73
CA TYR B 221 2.70 8.96 28.22
C TYR B 221 4.21 8.98 28.39
N LEU B 222 4.86 9.97 27.80
CA LEU B 222 6.29 10.07 27.91
C LEU B 222 6.56 10.98 29.11
N HIS B 223 7.05 10.40 30.20
CA HIS B 223 7.24 11.13 31.47
C HIS B 223 8.35 12.15 31.37
N PHE B 224 9.49 11.72 30.83
CA PHE B 224 10.64 12.62 30.68
C PHE B 224 11.65 12.12 29.66
N GLY B 225 12.69 12.92 29.40
CA GLY B 225 13.76 12.55 28.49
C GLY B 225 13.58 12.88 27.00
N GLU B 226 14.36 12.22 26.14
CA GLU B 226 14.33 12.50 24.70
C GLU B 226 13.08 11.89 24.04
N PRO B 227 12.74 12.36 22.82
CA PRO B 227 11.50 11.97 22.12
C PRO B 227 11.45 10.54 21.66
N LYS B 228 10.24 10.11 21.35
CA LYS B 228 9.96 8.79 20.80
C LYS B 228 9.26 9.01 19.48
N SER B 229 9.79 8.46 18.39
CA SER B 229 9.15 8.61 17.08
C SER B 229 8.34 7.38 16.72
N TRP B 230 7.17 7.64 16.15
CA TRP B 230 6.18 6.64 15.77
C TRP B 230 5.90 6.64 14.28
N TYR B 231 5.59 5.44 13.82
CA TYR B 231 4.98 5.16 12.53
C TYR B 231 3.66 4.45 12.76
N SER B 232 2.69 4.78 11.91
N SER B 232 2.68 4.75 11.91
CA SER B 232 1.37 4.14 11.99
CA SER B 232 1.36 4.12 12.00
C SER B 232 0.72 3.88 10.65
C SER B 232 0.70 3.88 10.65
N VAL B 233 0.05 2.73 10.56
CA VAL B 233 -0.75 2.37 9.39
C VAL B 233 -2.25 2.44 9.74
N PRO B 234 -3.06 3.17 8.95
CA PRO B 234 -4.50 3.15 9.25
C PRO B 234 -5.11 1.76 9.37
N PRO B 235 -5.96 1.53 10.39
CA PRO B 235 -6.64 0.23 10.53
C PRO B 235 -7.27 -0.24 9.21
N GLU B 236 -7.84 0.68 8.44
CA GLU B 236 -8.49 0.30 7.20
C GLU B 236 -7.46 -0.27 6.20
N HIS B 237 -6.17 0.03 6.37
CA HIS B 237 -5.11 -0.60 5.57
C HIS B 237 -4.29 -1.71 6.27
N GLY B 238 -4.65 -2.03 7.52
CA GLY B 238 -3.91 -3.04 8.26
C GLY B 238 -3.71 -4.37 7.56
N LYS B 239 -4.72 -4.86 6.86
CA LYS B 239 -4.58 -6.13 6.18
C LYS B 239 -3.56 -6.05 5.06
N ARG B 240 -3.33 -4.86 4.50
N ARG B 240 -3.33 -4.86 4.50
CA ARG B 240 -2.35 -4.76 3.42
CA ARG B 240 -2.36 -4.75 3.42
C ARG B 240 -0.95 -4.89 3.99
C ARG B 240 -0.95 -4.89 3.99
N LEU B 241 -0.73 -4.33 5.17
CA LEU B 241 0.54 -4.46 5.85
C LEU B 241 0.79 -5.92 6.21
N GLU B 242 -0.23 -6.63 6.68
CA GLU B 242 -0.07 -8.05 7.00
C GLU B 242 0.32 -8.86 5.77
N ARG B 243 -0.34 -8.62 4.64
N ARG B 243 -0.35 -8.60 4.66
CA ARG B 243 -0.03 -9.32 3.40
CA ARG B 243 -0.09 -9.27 3.40
C ARG B 243 1.41 -9.07 2.99
C ARG B 243 1.35 -9.05 2.95
N LEU B 244 1.82 -7.82 3.11
CA LEU B 244 3.19 -7.45 2.77
C LEU B 244 4.18 -8.20 3.67
N ALA B 245 3.89 -8.18 4.97
CA ALA B 245 4.79 -8.79 5.95
C ALA B 245 4.87 -10.33 5.71
N LYS B 246 3.73 -10.95 5.39
N LYS B 246 3.73 -10.94 5.40
CA LYS B 246 3.72 -12.39 5.10
CA LYS B 246 3.70 -12.37 5.13
C LYS B 246 4.59 -12.74 3.91
C LYS B 246 4.55 -12.74 3.91
N GLY B 247 4.59 -11.87 2.91
CA GLY B 247 5.38 -12.10 1.72
C GLY B 247 6.86 -12.00 1.99
N PHE B 248 7.22 -11.04 2.85
CA PHE B 248 8.63 -10.83 3.18
C PHE B 248 9.17 -11.82 4.19
N PHE B 249 8.30 -12.40 5.02
CA PHE B 249 8.71 -13.37 6.04
C PHE B 249 7.83 -14.65 5.97
N PRO B 250 7.93 -15.41 4.87
CA PRO B 250 6.97 -16.51 4.66
C PRO B 250 7.12 -17.66 5.68
N GLY B 251 8.35 -17.84 6.12
CA GLY B 251 8.64 -18.82 7.14
C GLY B 251 7.93 -18.54 8.46
N SER B 252 8.06 -17.30 8.93
CA SER B 252 7.41 -16.88 10.16
C SER B 252 5.91 -16.98 10.02
N ALA B 253 5.41 -16.59 8.85
CA ALA B 253 3.97 -16.59 8.61
C ALA B 253 3.41 -18.02 8.60
N GLN B 254 4.16 -18.97 8.05
N GLN B 254 4.16 -18.97 8.04
CA GLN B 254 3.66 -20.35 8.00
CA GLN B 254 3.65 -20.33 7.99
C GLN B 254 3.53 -20.99 9.38
C GLN B 254 3.53 -20.96 9.39
N SER B 255 4.40 -20.62 10.31
N SER B 255 4.44 -20.60 10.29
CA SER B 255 4.39 -21.24 11.63
CA SER B 255 4.49 -21.17 11.63
C SER B 255 3.56 -20.49 12.67
C SER B 255 3.54 -20.51 12.63
N CYS B 256 3.07 -19.31 12.33
CA CYS B 256 2.14 -18.63 13.22
C CYS B 256 1.11 -17.79 12.46
N GLU B 257 -0.15 -17.90 12.88
CA GLU B 257 -1.22 -17.20 12.22
C GLU B 257 -1.07 -15.70 12.39
N ALA B 258 -0.45 -15.25 13.46
CA ALA B 258 -0.19 -13.83 13.60
C ALA B 258 1.21 -13.53 14.09
N PHE B 259 2.21 -13.74 13.24
CA PHE B 259 3.58 -13.60 13.75
C PHE B 259 3.95 -12.20 14.11
N LEU B 260 3.25 -11.20 13.56
CA LEU B 260 3.57 -9.84 13.97
C LEU B 260 3.38 -9.63 15.48
N ARG B 261 2.52 -10.42 16.13
CA ARG B 261 2.33 -10.26 17.58
C ARG B 261 3.56 -10.65 18.35
N HIS B 262 4.54 -11.27 17.68
CA HIS B 262 5.80 -11.58 18.37
C HIS B 262 6.61 -10.30 18.61
N LYS B 263 6.24 -9.21 17.94
CA LYS B 263 6.87 -7.89 18.09
C LYS B 263 8.35 -7.97 17.80
N MET B 264 8.69 -8.79 16.82
CA MET B 264 10.05 -8.86 16.29
C MET B 264 10.32 -8.22 14.92
N THR B 265 9.29 -7.72 14.24
CA THR B 265 9.43 -7.40 12.81
C THR B 265 9.51 -5.90 12.59
N LEU B 266 10.62 -5.48 12.00
CA LEU B 266 10.87 -4.07 11.73
C LEU B 266 10.87 -3.91 10.22
N ILE B 267 10.17 -2.88 9.77
CA ILE B 267 10.04 -2.58 8.36
C ILE B 267 10.16 -1.06 8.18
N SER B 268 11.10 -0.62 7.35
CA SER B 268 11.33 0.81 7.18
C SER B 268 10.21 1.51 6.39
N PRO B 269 10.01 2.80 6.63
CA PRO B 269 9.03 3.58 5.87
C PRO B 269 9.31 3.55 4.33
N LEU B 270 10.58 3.49 3.90
CA LEU B 270 10.88 3.38 2.46
C LEU B 270 10.35 2.06 1.84
N MET B 271 10.41 0.98 2.61
CA MET B 271 9.79 -0.27 2.14
C MET B 271 8.28 -0.14 2.08
N LEU B 272 7.67 0.49 3.08
CA LEU B 272 6.22 0.68 3.02
C LEU B 272 5.82 1.50 1.80
N LYS B 273 6.54 2.60 1.55
CA LYS B 273 6.31 3.44 0.37
C LYS B 273 6.40 2.65 -0.92
N LYS B 274 7.47 1.86 -0.99
CA LYS B 274 7.76 1.08 -2.17
C LYS B 274 6.64 0.11 -2.54
N TYR B 275 6.03 -0.48 -1.52
CA TYR B 275 4.92 -1.40 -1.74
C TYR B 275 3.52 -0.79 -1.57
N GLY B 276 3.45 0.53 -1.46
CA GLY B 276 2.16 1.19 -1.54
C GLY B 276 1.35 1.12 -0.27
N ILE B 277 1.98 0.82 0.86
CA ILE B 277 1.26 0.82 2.14
C ILE B 277 1.12 2.24 2.70
N PRO B 278 -0.12 2.70 2.90
CA PRO B 278 -0.29 4.03 3.53
C PRO B 278 0.21 4.06 4.96
N PHE B 279 0.89 5.12 5.35
CA PHE B 279 1.35 5.26 6.73
C PHE B 279 1.61 6.73 7.06
N ASP B 280 1.69 7.01 8.35
CA ASP B 280 2.03 8.35 8.80
C ASP B 280 3.10 8.26 9.89
N LYS B 281 3.76 9.39 10.16
CA LYS B 281 4.80 9.49 11.15
C LYS B 281 4.51 10.60 12.11
N VAL B 282 4.88 10.43 13.37
CA VAL B 282 4.74 11.52 14.33
C VAL B 282 5.81 11.34 15.39
N THR B 283 6.29 12.44 15.97
CA THR B 283 7.26 12.38 17.07
C THR B 283 6.63 12.85 18.36
N GLN B 284 6.75 12.00 19.38
CA GLN B 284 6.22 12.26 20.71
C GLN B 284 7.29 12.85 21.62
N GLU B 285 6.92 13.91 22.33
CA GLU B 285 7.83 14.69 23.15
C GLU B 285 7.47 14.52 24.62
N ALA B 286 8.44 14.78 25.51
CA ALA B 286 8.17 14.65 26.94
C ALA B 286 6.93 15.44 27.30
N GLY B 287 6.05 14.82 28.09
CA GLY B 287 4.80 15.43 28.50
C GLY B 287 3.62 15.27 27.55
N GLU B 288 3.79 14.49 26.48
CA GLU B 288 2.69 14.29 25.53
C GLU B 288 2.17 12.85 25.54
N PHE B 289 0.89 12.70 25.23
CA PHE B 289 0.25 11.37 25.12
C PHE B 289 0.15 10.90 23.70
N MET B 290 0.37 9.59 23.49
CA MET B 290 -0.04 8.97 22.25
C MET B 290 -1.17 8.00 22.60
N ILE B 291 -2.18 7.98 21.73
CA ILE B 291 -3.24 6.98 21.75
C ILE B 291 -3.12 6.11 20.51
N THR B 292 -3.12 4.79 20.68
CA THR B 292 -3.27 3.90 19.52
C THR B 292 -4.64 3.27 19.59
N PHE B 293 -5.18 2.98 18.42
CA PHE B 293 -6.57 2.59 18.25
C PHE B 293 -6.66 1.15 17.79
N PRO B 294 -7.82 0.50 18.04
CA PRO B 294 -7.91 -0.92 17.66
C PRO B 294 -7.49 -1.21 16.21
N TYR B 295 -6.64 -2.23 16.10
CA TYR B 295 -6.07 -2.67 14.83
C TYR B 295 -5.21 -1.60 14.13
N GLY B 296 -4.75 -0.58 14.87
CA GLY B 296 -3.71 0.28 14.33
C GLY B 296 -2.35 -0.32 14.48
N TYR B 297 -1.72 -0.63 13.37
CA TYR B 297 -0.33 -1.09 13.39
C TYR B 297 0.56 0.11 13.65
N HIS B 298 1.49 -0.04 14.58
CA HIS B 298 2.46 1.01 14.83
C HIS B 298 3.83 0.41 15.16
N ALA B 299 4.83 1.28 15.02
CA ALA B 299 6.23 0.91 15.33
C ALA B 299 6.97 2.22 15.58
N GLY B 300 8.23 2.13 15.98
CA GLY B 300 9.03 3.32 16.19
C GLY B 300 10.29 3.13 16.97
N PHE B 301 10.82 4.24 17.47
CA PHE B 301 12.10 4.20 18.15
C PHE B 301 12.29 5.38 19.09
N ASN B 302 13.17 5.19 20.06
CA ASN B 302 13.53 6.27 20.98
C ASN B 302 14.77 7.04 20.54
N HIS B 303 14.75 8.33 20.79
CA HIS B 303 15.87 9.18 20.43
C HIS B 303 17.03 9.12 21.41
N GLY B 304 16.76 8.76 22.65
CA GLY B 304 17.79 8.81 23.67
C GLY B 304 17.21 8.34 24.98
N PHE B 305 17.87 8.72 26.07
CA PHE B 305 17.39 8.37 27.40
C PHE B 305 16.00 8.92 27.63
N ASN B 306 15.06 8.04 27.97
CA ASN B 306 13.73 8.52 28.36
C ASN B 306 12.97 7.50 29.16
N CYS B 307 11.78 7.92 29.59
CA CYS B 307 10.91 7.09 30.37
C CYS B 307 9.46 7.27 29.92
N ALA B 308 8.82 6.16 29.52
CA ALA B 308 7.42 6.19 29.09
C ALA B 308 6.59 5.27 29.96
N GLU B 309 5.29 5.56 30.03
CA GLU B 309 4.37 4.71 30.77
C GLU B 309 3.20 4.36 29.86
N SER B 310 2.78 3.10 29.88
CA SER B 310 1.66 2.72 29.02
C SER B 310 0.84 1.56 29.56
N THR B 311 -0.36 1.43 29.01
CA THR B 311 -1.27 0.33 29.30
C THR B 311 -2.28 0.27 28.16
N ASN B 312 -3.19 -0.70 28.24
CA ASN B 312 -4.24 -0.84 27.25
C ASN B 312 -5.55 -0.41 27.83
N PHE B 313 -6.46 -0.02 26.94
CA PHE B 313 -7.80 0.25 27.39
C PHE B 313 -8.79 -0.11 26.28
N ALA B 314 -10.08 0.01 26.63
CA ALA B 314 -11.13 -0.29 25.69
C ALA B 314 -12.22 0.78 25.63
N THR B 315 -13.03 0.68 24.58
CA THR B 315 -14.29 1.39 24.45
C THR B 315 -15.29 0.36 23.92
N ARG B 316 -16.55 0.74 23.81
N ARG B 316 -16.57 0.71 23.89
CA ARG B 316 -17.57 -0.18 23.30
CA ARG B 316 -17.57 -0.21 23.32
C ARG B 316 -17.30 -0.63 21.87
C ARG B 316 -17.18 -0.68 21.91
N ARG B 317 -16.66 0.24 21.10
CA ARG B 317 -16.27 -0.04 19.71
C ARG B 317 -15.24 -1.19 19.65
N TRP B 318 -14.43 -1.33 20.69
CA TRP B 318 -13.39 -2.36 20.68
C TRP B 318 -13.97 -3.77 20.68
N ILE B 319 -15.15 -3.94 21.26
CA ILE B 319 -15.65 -5.29 21.51
C ILE B 319 -15.64 -6.12 20.24
N GLU B 320 -16.10 -5.56 19.11
CA GLU B 320 -16.10 -6.32 17.88
C GLU B 320 -14.67 -6.64 17.45
N TYR B 321 -13.72 -5.74 17.72
CA TYR B 321 -12.34 -6.01 17.35
C TYR B 321 -11.82 -7.17 18.19
N GLY B 322 -12.17 -7.17 19.47
CA GLY B 322 -11.76 -8.23 20.38
C GLY B 322 -12.29 -9.58 19.94
N LYS B 323 -13.55 -9.61 19.54
CA LYS B 323 -14.17 -10.85 19.05
C LYS B 323 -13.45 -11.41 17.82
N GLN B 324 -12.99 -10.52 16.94
CA GLN B 324 -12.38 -10.92 15.67
C GLN B 324 -10.86 -10.93 15.63
N ALA B 325 -10.19 -10.59 16.72
CA ALA B 325 -8.72 -10.51 16.72
C ALA B 325 -8.12 -11.84 16.36
N VAL B 326 -7.14 -11.80 15.48
CA VAL B 326 -6.40 -12.99 15.09
C VAL B 326 -5.18 -13.09 15.99
N LEU B 327 -5.10 -14.19 16.73
CA LEU B 327 -4.16 -14.29 17.82
C LEU B 327 -3.01 -15.24 17.51
N CYS B 328 -1.88 -15.00 18.16
CA CYS B 328 -0.71 -15.88 18.03
C CYS B 328 -1.04 -17.28 18.50
N SER B 329 -0.79 -18.25 17.63
CA SER B 329 -1.07 -19.65 17.85
C SER B 329 0.11 -20.55 18.26
N CYS B 330 1.32 -19.99 18.25
CA CYS B 330 2.55 -20.76 18.44
C CYS B 330 3.25 -20.65 19.78
N ARG B 331 2.76 -19.80 20.66
CA ARG B 331 3.47 -19.46 21.89
C ARG B 331 2.54 -19.63 23.05
N LYS B 332 3.11 -19.78 24.23
CA LYS B 332 2.32 -19.85 25.45
C LYS B 332 2.51 -18.57 26.22
N ASP B 333 1.51 -18.24 27.03
CA ASP B 333 1.46 -16.93 27.69
C ASP B 333 1.28 -15.82 26.67
N MET B 334 0.74 -16.18 25.51
CA MET B 334 0.18 -15.19 24.60
C MET B 334 -1.06 -14.65 25.31
N VAL B 335 -1.35 -13.35 25.14
CA VAL B 335 -2.50 -12.76 25.82
C VAL B 335 -3.79 -13.08 25.09
N LYS B 336 -4.71 -13.72 25.81
CA LYS B 336 -6.05 -14.03 25.30
C LYS B 336 -7.05 -13.62 26.36
N ILE B 337 -7.96 -12.74 25.99
CA ILE B 337 -8.99 -12.23 26.90
C ILE B 337 -10.30 -12.90 26.48
N SER B 338 -11.02 -13.49 27.44
CA SER B 338 -12.34 -14.03 27.13
C SER B 338 -13.30 -12.89 26.79
N MET B 339 -13.97 -12.99 25.64
CA MET B 339 -14.86 -11.94 25.20
C MET B 339 -16.28 -12.12 25.71
N ASP B 340 -16.51 -13.23 26.39
N ASP B 340 -16.51 -13.23 26.39
CA ASP B 340 -17.85 -13.65 26.78
CA ASP B 340 -17.85 -13.65 26.75
C ASP B 340 -18.60 -12.56 27.57
C ASP B 340 -18.58 -12.56 27.55
N VAL B 341 -17.92 -12.02 28.57
CA VAL B 341 -18.55 -11.03 29.44
C VAL B 341 -18.98 -9.76 28.66
N PHE B 342 -18.17 -9.38 27.68
CA PHE B 342 -18.46 -8.20 26.87
C PHE B 342 -19.62 -8.40 25.93
N VAL B 343 -19.69 -9.59 25.33
CA VAL B 343 -20.76 -9.86 24.40
C VAL B 343 -22.04 -9.95 25.19
N ARG B 344 -22.01 -10.64 26.33
CA ARG B 344 -23.21 -10.75 27.14
C ARG B 344 -23.69 -9.39 27.60
N LYS B 345 -22.78 -8.56 28.10
CA LYS B 345 -23.23 -7.29 28.64
C LYS B 345 -23.64 -6.30 27.54
N PHE B 346 -22.79 -6.14 26.53
CA PHE B 346 -23.05 -5.14 25.50
C PHE B 346 -23.63 -5.60 24.17
N GLN B 347 -23.70 -6.90 23.91
CA GLN B 347 -24.36 -7.39 22.70
C GLN B 347 -25.20 -8.59 23.02
N PRO B 348 -26.12 -8.42 23.96
CA PRO B 348 -26.87 -9.58 24.43
C PRO B 348 -27.68 -10.22 23.30
N GLU B 349 -28.13 -9.40 22.35
CA GLU B 349 -28.94 -9.96 21.28
C GLU B 349 -28.13 -10.78 20.28
N ARG B 350 -26.81 -10.62 20.32
N ARG B 350 -26.81 -10.62 20.31
CA ARG B 350 -25.91 -11.36 19.45
CA ARG B 350 -25.92 -11.39 19.44
C ARG B 350 -25.21 -12.55 20.12
C ARG B 350 -25.23 -12.58 20.12
N TYR B 351 -25.42 -12.72 21.43
CA TYR B 351 -24.66 -13.70 22.21
C TYR B 351 -24.87 -15.14 21.73
N LYS B 352 -26.12 -15.58 21.61
CA LYS B 352 -26.39 -16.93 21.13
C LYS B 352 -25.80 -17.19 19.75
N LEU B 353 -25.95 -16.22 18.86
CA LEU B 353 -25.47 -16.34 17.50
C LEU B 353 -23.96 -16.45 17.50
N TRP B 354 -23.32 -15.66 18.35
CA TRP B 354 -21.87 -15.66 18.47
C TRP B 354 -21.31 -16.95 19.08
N LYS B 355 -21.93 -17.45 20.14
CA LYS B 355 -21.51 -18.73 20.73
C LYS B 355 -21.68 -19.86 19.73
N ALA B 356 -22.64 -19.71 18.82
CA ALA B 356 -22.91 -20.71 17.81
C ALA B 356 -22.00 -20.54 16.59
N GLY B 357 -21.08 -19.57 16.66
CA GLY B 357 -20.13 -19.32 15.58
C GLY B 357 -20.73 -18.75 14.30
N LYS B 358 -21.95 -18.24 14.40
CA LYS B 358 -22.67 -17.66 13.26
C LYS B 358 -22.68 -16.13 13.17
N ASP B 359 -21.94 -15.43 14.03
CA ASP B 359 -22.02 -13.97 14.01
C ASP B 359 -21.01 -13.45 12.97
N ASN B 360 -21.56 -13.01 11.84
CA ASN B 360 -20.80 -12.61 10.66
C ASN B 360 -20.55 -11.10 10.54
N THR B 361 -20.75 -10.37 11.63
CA THR B 361 -20.58 -8.91 11.64
C THR B 361 -19.27 -8.49 10.98
N VAL B 362 -19.34 -7.47 10.13
CA VAL B 362 -18.15 -6.99 9.44
C VAL B 362 -17.77 -5.64 10.03
N ILE B 363 -16.51 -5.48 10.43
CA ILE B 363 -16.10 -4.23 11.04
C ILE B 363 -15.93 -3.11 10.02
N ASP B 364 -16.52 -1.95 10.31
CA ASP B 364 -16.25 -0.71 9.56
C ASP B 364 -15.27 0.14 10.36
N HIS B 365 -14.03 0.18 9.88
CA HIS B 365 -12.95 0.82 10.61
C HIS B 365 -13.11 2.34 10.73
N THR B 366 -13.92 2.93 9.87
CA THR B 366 -14.09 4.38 9.86
C THR B 366 -15.07 4.87 10.94
N LEU B 367 -15.95 3.98 11.37
CA LEU B 367 -17.02 4.34 12.30
C LEU B 367 -16.50 4.70 13.69
N PRO B 368 -16.93 5.83 14.27
CA PRO B 368 -16.55 6.14 15.66
C PRO B 368 -17.29 5.33 16.75
N THR B 369 -16.73 5.28 17.96
CA THR B 369 -17.34 4.50 19.05
C THR B 369 -18.70 5.11 19.41
N PRO B 370 -19.69 4.27 19.77
CA PRO B 370 -21.05 4.73 20.12
C PRO B 370 -21.10 5.84 21.19
N GLU B 371 -20.15 5.87 22.13
CA GLU B 371 -20.14 6.85 23.23
C GLU B 371 -20.06 8.30 22.74
N ALA B 372 -19.69 8.46 21.48
CA ALA B 372 -19.57 9.76 20.85
C ALA B 372 -20.95 10.25 20.41
N ALA B 373 -21.99 9.53 20.83
CA ALA B 373 -23.38 9.82 20.47
C ALA B 373 -23.68 11.31 20.56
N GLU B 374 -23.24 11.95 21.62
N GLU B 374 -23.14 11.89 21.61
CA GLU B 374 -23.55 13.37 21.81
CA GLU B 374 -23.30 13.29 22.01
C GLU B 374 -22.73 14.28 20.88
C GLU B 374 -22.69 14.24 20.98
N PHE B 375 -21.55 13.81 20.43
CA PHE B 375 -20.75 14.61 19.49
C PHE B 375 -21.08 14.44 18.00
N LEU B 376 -21.72 13.33 17.63
CA LEU B 376 -22.03 13.07 16.24
C LEU B 376 -23.20 13.94 15.79
N LYS B 377 -23.87 14.55 16.76
CA LYS B 377 -24.99 15.45 16.49
C LYS B 377 -25.07 16.57 17.52
N ALA C 10 -2.06 0.04 -40.01
CA ALA C 10 -1.89 -0.69 -38.76
C ALA C 10 -1.83 0.27 -37.57
N ARG C 11 -2.59 -0.04 -36.52
CA ARG C 11 -2.60 0.78 -35.33
C ARG C 11 -2.95 -0.03 -34.09
N SER C 13 -5.41 -0.96 -30.98
CA SER C 13 -6.86 -1.09 -30.89
C SER C 13 -7.31 -1.45 -29.48
#